data_9BGB
#
_entry.id   9BGB
#
_cell.length_a   65.150
_cell.length_b   80.600
_cell.length_c   127.270
_cell.angle_alpha   90.000
_cell.angle_beta   90.000
_cell.angle_gamma   90.000
#
_symmetry.space_group_name_H-M   'P 21 21 21'
#
loop_
_entity.id
_entity.type
_entity.pdbx_description
1 polymer 'GTPase KRas'
2 polymer 'Peptidyl-prolyl cis-trans isomerase A'
3 non-polymer 'PHOSPHOAMINOPHOSPHONIC ACID-GUANYLATE ESTER'
4 non-polymer 'MAGNESIUM ION'
5 non-polymer (1R,2S)-N-[(1P,7S,9S,13R,20M)-21-ethyl-20-{2-[(1R)-1-methoxyethyl]-5-(4-methylpiperazin-1-yl)pyridin-3-yl}-17,17-dimethyl-8,14-dioxo-15-oxa-4-thia-9,21,27,28-tetraazapentacyclo[17.5.2.1~2,5~.1~9,13~.0~22,26~]octacosa-1(24),2,5(28),19,22,25-hexaen-7-yl]-2-methylcyclopropane-1-carboxamide
6 water water
#
loop_
_entity_poly.entity_id
_entity_poly.type
_entity_poly.pdbx_seq_one_letter_code
_entity_poly.pdbx_strand_id
1 'polypeptide(L)'
;SMTEYKLVVVGAGGVGKSALTIQLIQNHFVDEYDPTIEDSYRKQVVIDGETCLLDILDTAGHEEYSAMRDQYMRTGEGFL
CVFAINNTKSFEDIHHYREQIKRVKDSEDVPMVLVGNKCDLPSRTVDTKQAQDLARSYGIPFIETSAKTRQGVDDAFYTL
VREIRKHKEK
;
A,B
2 'polypeptide(L)'
;SMVNPTVFFDIAVDGEPLGRVSFELFADKVPKTAENFRALSTGEKGFGYKGSCFHRIIPGFMCQGGDFTRHNGTGGKSIY
GEKFEDENFILKHTGPGILSMANAGPNTNGSQFFICTAKTEWLDGKHVVFGKVKEGMNIVEAMERFGSRNGKTSKKITIA
DCGQLE
;
C,D
#
loop_
_chem_comp.id
_chem_comp.type
_chem_comp.name
_chem_comp.formula
A1AHB non-polymer (1R,2S)-N-[(1P,7S,9S,13R,20M)-21-ethyl-20-{2-[(1R)-1-methoxyethyl]-5-(4-methylpiperazin-1-yl)pyridin-3-yl}-17,17-dimethyl-8,14-dioxo-15-oxa-4-thia-9,21,27,28-tetraazapentacyclo[17.5.2.1~2,5~.1~9,13~.0~22,26~]octacosa-1(24),2,5(28),19,22,25-hexaen-7-yl]-2-methylcyclopropane-1-carboxamide 'C44 H58 N8 O5 S'
GNP non-polymer 'PHOSPHOAMINOPHOSPHONIC ACID-GUANYLATE ESTER' 'C10 H17 N6 O13 P3'
MG non-polymer 'MAGNESIUM ION' 'Mg 2'
#
# COMPACT_ATOMS: atom_id res chain seq x y z
N SER A 1 38.83 5.79 0.19
CA SER A 1 38.41 5.02 1.35
C SER A 1 37.60 3.80 0.93
N MET A 2 37.50 2.84 1.84
CA MET A 2 36.77 1.61 1.57
C MET A 2 35.27 1.86 1.61
N THR A 3 34.54 1.35 0.60
CA THR A 3 33.09 1.47 0.58
C THR A 3 32.45 0.51 1.57
N GLU A 4 31.51 1.02 2.37
CA GLU A 4 30.77 0.20 3.32
C GLU A 4 29.41 -0.17 2.73
N TYR A 5 29.03 -1.45 2.88
CA TYR A 5 27.78 -1.98 2.37
C TYR A 5 26.96 -2.50 3.55
N LYS A 6 25.72 -2.01 3.67
CA LYS A 6 24.85 -2.34 4.80
C LYS A 6 23.92 -3.48 4.39
N LEU A 7 24.25 -4.68 4.82
CA LEU A 7 23.46 -5.87 4.48
C LEU A 7 22.62 -6.28 5.66
N VAL A 8 21.41 -6.78 5.39
CA VAL A 8 20.50 -7.27 6.41
C VAL A 8 20.02 -8.67 6.05
N VAL A 9 20.08 -9.58 7.00
CA VAL A 9 19.65 -10.98 6.82
C VAL A 9 18.31 -11.16 7.49
N VAL A 10 17.30 -11.57 6.72
CA VAL A 10 15.95 -11.75 7.23
C VAL A 10 15.39 -13.11 6.81
N GLY A 11 14.35 -13.54 7.50
CA GLY A 11 13.73 -14.83 7.26
C GLY A 11 13.15 -15.42 8.53
N ALA A 12 12.33 -16.44 8.35
CA ALA A 12 11.62 -17.03 9.47
C ALA A 12 12.58 -17.62 10.49
N GLY A 13 12.10 -17.78 11.72
CA GLY A 13 12.89 -18.39 12.76
C GLY A 13 13.44 -19.74 12.37
N GLY A 14 14.74 -19.95 12.63
CA GLY A 14 15.36 -21.25 12.49
C GLY A 14 15.79 -21.65 11.10
N VAL A 15 15.74 -20.73 10.13
CA VAL A 15 16.12 -21.07 8.76
C VAL A 15 17.63 -21.10 8.58
N GLY A 16 18.39 -20.54 9.51
CA GLY A 16 19.83 -20.49 9.42
C GLY A 16 20.46 -19.12 9.15
N LYS A 17 19.76 -18.03 9.47
CA LYS A 17 20.32 -16.69 9.23
C LYS A 17 21.64 -16.51 9.98
N SER A 18 21.65 -16.82 11.27
CA SER A 18 22.86 -16.63 12.06
C SER A 18 23.94 -17.63 11.65
N ALA A 19 23.54 -18.87 11.38
CA ALA A 19 24.52 -19.88 10.95
C ALA A 19 25.24 -19.43 9.69
N LEU A 20 24.50 -18.87 8.72
CA LEU A 20 25.13 -18.34 7.52
C LEU A 20 26.05 -17.17 7.84
N THR A 21 25.59 -16.26 8.70
CA THR A 21 26.38 -15.07 8.99
C THR A 21 27.66 -15.45 9.72
N ILE A 22 27.55 -16.34 10.71
CA ILE A 22 28.75 -16.75 11.44
C ILE A 22 29.69 -17.56 10.54
N GLN A 23 29.17 -18.33 9.58
CA GLN A 23 30.08 -18.95 8.61
C GLN A 23 30.86 -17.92 7.82
N LEU A 24 30.19 -16.85 7.39
CA LEU A 24 30.88 -15.81 6.63
C LEU A 24 31.93 -15.10 7.49
N ILE A 25 31.55 -14.75 8.72
CA ILE A 25 32.41 -13.92 9.58
C ILE A 25 33.49 -14.76 10.24
N GLN A 26 33.12 -15.93 10.77
CA GLN A 26 34.02 -16.67 11.65
C GLN A 26 34.43 -18.01 11.08
N ASN A 27 33.91 -18.41 9.94
CA ASN A 27 34.34 -19.64 9.26
C ASN A 27 34.11 -20.88 10.10
N HIS A 28 33.08 -20.89 10.94
CA HIS A 28 32.73 -22.12 11.65
C HIS A 28 31.21 -22.23 11.72
N PHE A 29 30.73 -23.44 12.01
CA PHE A 29 29.31 -23.73 11.93
C PHE A 29 28.70 -23.96 13.30
N VAL A 30 27.68 -23.18 13.64
CA VAL A 30 27.01 -23.27 14.93
C VAL A 30 25.92 -24.35 14.83
N ASP A 31 26.16 -25.47 15.49
CA ASP A 31 25.19 -26.57 15.49
C ASP A 31 24.02 -26.30 16.43
N GLU A 32 24.19 -25.43 17.42
CA GLU A 32 23.23 -25.21 18.48
C GLU A 32 22.15 -24.20 18.07
N TYR A 33 21.02 -24.26 18.78
CA TYR A 33 19.89 -23.35 18.59
C TYR A 33 20.07 -22.14 19.50
N ASP A 34 20.38 -21.00 18.90
CA ASP A 34 20.64 -19.77 19.66
C ASP A 34 19.84 -18.64 19.05
N PRO A 35 18.54 -18.57 19.34
CA PRO A 35 17.67 -17.64 18.61
C PRO A 35 18.06 -16.19 18.84
N THR A 36 18.08 -15.43 17.76
CA THR A 36 18.68 -14.10 17.76
C THR A 36 17.73 -13.05 18.32
N ILE A 37 18.28 -12.09 19.06
CA ILE A 37 17.57 -10.84 19.34
C ILE A 37 17.90 -9.87 18.22
N GLU A 38 19.18 -9.48 18.14
CA GLU A 38 19.72 -8.70 17.04
C GLU A 38 21.23 -8.68 17.15
N ASP A 39 21.96 -8.94 16.07
CA ASP A 39 23.42 -8.92 16.14
C ASP A 39 23.99 -8.23 14.90
N SER A 40 25.15 -7.63 15.07
CA SER A 40 25.79 -6.86 14.01
C SER A 40 27.24 -7.31 13.87
N TYR A 41 27.73 -7.34 12.63
CA TYR A 41 29.08 -7.83 12.34
C TYR A 41 29.72 -6.98 11.27
N ARG A 42 31.06 -6.98 11.25
CA ARG A 42 31.85 -6.28 10.25
C ARG A 42 32.84 -7.26 9.63
N LYS A 43 33.01 -7.19 8.31
CA LYS A 43 34.03 -7.99 7.63
C LYS A 43 34.47 -7.29 6.35
N GLN A 44 35.78 -7.20 6.13
CA GLN A 44 36.25 -6.69 4.85
C GLN A 44 36.50 -7.87 3.91
N VAL A 45 36.16 -7.67 2.63
CA VAL A 45 36.26 -8.71 1.62
C VAL A 45 36.71 -8.07 0.31
N VAL A 46 37.30 -8.89 -0.56
CA VAL A 46 37.65 -8.48 -1.91
C VAL A 46 36.59 -9.07 -2.84
N ILE A 47 35.86 -8.20 -3.53
CA ILE A 47 34.83 -8.60 -4.47
C ILE A 47 35.13 -7.94 -5.81
N ASP A 48 35.24 -8.75 -6.86
CA ASP A 48 35.59 -8.26 -8.19
C ASP A 48 36.83 -7.34 -8.13
N GLY A 49 37.85 -7.81 -7.41
CA GLY A 49 39.13 -7.12 -7.40
C GLY A 49 39.21 -5.86 -6.59
N GLU A 50 38.19 -5.53 -5.80
CA GLU A 50 38.17 -4.34 -4.96
C GLU A 50 37.78 -4.70 -3.54
N THR A 51 38.49 -4.12 -2.56
CA THR A 51 38.17 -4.36 -1.16
C THR A 51 36.98 -3.52 -0.73
N CYS A 52 36.04 -4.12 -0.02
CA CYS A 52 34.95 -3.36 0.57
C CYS A 52 34.62 -3.91 1.95
N LEU A 53 33.88 -3.09 2.70
CA LEU A 53 33.55 -3.39 4.09
C LEU A 53 32.07 -3.78 4.19
N LEU A 54 31.80 -4.98 4.71
CA LEU A 54 30.45 -5.46 4.89
C LEU A 54 30.03 -5.20 6.33
N ASP A 55 28.93 -4.48 6.50
CA ASP A 55 28.28 -4.30 7.79
C ASP A 55 27.00 -5.11 7.73
N ILE A 56 26.89 -6.15 8.56
CA ILE A 56 25.87 -7.17 8.43
C ILE A 56 24.99 -7.19 9.67
N LEU A 57 23.70 -6.95 9.48
CA LEU A 57 22.73 -7.03 10.56
C LEU A 57 22.04 -8.38 10.51
N ASP A 58 22.21 -9.17 11.56
CA ASP A 58 21.54 -10.47 11.70
C ASP A 58 20.29 -10.26 12.55
N THR A 59 19.12 -10.55 11.99
CA THR A 59 17.86 -10.14 12.63
C THR A 59 17.12 -11.32 13.22
N ALA A 60 16.13 -11.02 14.06
CA ALA A 60 15.34 -12.06 14.69
C ALA A 60 14.25 -12.52 13.74
N GLY A 61 14.12 -13.82 13.57
CA GLY A 61 13.03 -14.43 12.87
C GLY A 61 11.84 -14.71 13.75
N HIS A 62 11.98 -14.47 15.06
CA HIS A 62 10.92 -14.74 16.02
C HIS A 62 9.63 -14.05 15.61
N GLU A 63 8.61 -14.86 15.40
CA GLU A 63 7.38 -14.41 14.77
C GLU A 63 6.61 -13.40 15.64
N GLU A 64 6.87 -13.38 16.95
CA GLU A 64 6.17 -12.44 17.83
C GLU A 64 6.52 -10.98 17.53
N TYR A 65 7.69 -10.71 16.96
CA TYR A 65 8.17 -9.33 16.84
C TYR A 65 8.12 -8.82 15.40
N SER A 66 7.14 -9.28 14.62
CA SER A 66 7.05 -8.88 13.21
C SER A 66 6.71 -7.41 13.03
N ALA A 67 6.18 -6.74 14.05
CA ALA A 67 5.85 -5.33 13.95
C ALA A 67 7.00 -4.42 14.34
N MET A 68 8.20 -4.98 14.54
CA MET A 68 9.33 -4.18 14.98
C MET A 68 10.51 -4.32 14.03
N ARG A 69 10.21 -4.52 12.75
CA ARG A 69 11.23 -4.66 11.73
C ARG A 69 11.48 -3.38 10.96
N ASP A 70 10.68 -2.34 11.21
CA ASP A 70 10.68 -1.17 10.34
C ASP A 70 11.99 -0.40 10.41
N GLN A 71 12.58 -0.25 11.59
CA GLN A 71 13.80 0.56 11.70
C GLN A 71 14.95 -0.04 10.90
N TYR A 72 15.15 -1.35 11.02
CA TYR A 72 16.30 -1.92 10.30
C TYR A 72 16.02 -2.05 8.82
N MET A 73 14.75 -2.22 8.45
CA MET A 73 14.44 -2.22 7.02
C MET A 73 14.64 -0.84 6.41
N ARG A 74 14.54 0.23 7.21
CA ARG A 74 14.77 1.57 6.68
C ARG A 74 16.24 1.83 6.40
N THR A 75 17.12 1.37 7.28
CA THR A 75 18.55 1.65 7.15
C THR A 75 19.31 0.66 6.27
N GLY A 76 18.81 -0.58 6.13
CA GLY A 76 19.52 -1.57 5.34
C GLY A 76 19.53 -1.21 3.86
N GLU A 77 20.66 -1.47 3.20
CA GLU A 77 20.80 -1.21 1.77
C GLU A 77 20.44 -2.42 0.91
N GLY A 78 20.68 -3.63 1.41
CA GLY A 78 20.31 -4.83 0.67
C GLY A 78 19.96 -5.93 1.65
N PHE A 79 19.17 -6.89 1.17
CA PHE A 79 18.52 -7.85 2.03
C PHE A 79 18.74 -9.28 1.55
N LEU A 80 19.26 -10.10 2.44
N LEU A 80 19.31 -10.11 2.41
CA LEU A 80 19.36 -11.55 2.23
CA LEU A 80 19.37 -11.56 2.17
C LEU A 80 18.09 -12.18 2.76
C LEU A 80 18.10 -12.15 2.73
N CYS A 81 17.24 -12.64 1.85
CA CYS A 81 15.95 -13.23 2.23
C CYS A 81 16.08 -14.75 2.25
N VAL A 82 16.15 -15.31 3.46
CA VAL A 82 16.52 -16.71 3.66
C VAL A 82 15.28 -17.55 3.99
N PHE A 83 15.13 -18.67 3.28
CA PHE A 83 14.26 -19.77 3.71
C PHE A 83 15.09 -21.04 3.80
N ALA A 84 14.50 -22.10 4.37
CA ALA A 84 15.17 -23.40 4.43
C ALA A 84 14.45 -24.37 3.50
N ILE A 85 15.22 -25.12 2.71
CA ILE A 85 14.62 -25.97 1.68
C ILE A 85 13.87 -27.15 2.24
N ASN A 86 13.90 -27.37 3.55
CA ASN A 86 13.11 -28.43 4.18
C ASN A 86 11.96 -27.88 5.02
N ASN A 87 11.59 -26.63 4.80
CA ASN A 87 10.56 -25.97 5.60
C ASN A 87 9.70 -25.16 4.63
N THR A 88 8.60 -25.76 4.17
CA THR A 88 7.73 -25.09 3.22
C THR A 88 7.19 -23.77 3.77
N LYS A 89 6.86 -23.74 5.07
CA LYS A 89 6.35 -22.51 5.67
C LYS A 89 7.34 -21.36 5.54
N SER A 90 8.63 -21.64 5.78
CA SER A 90 9.61 -20.56 5.64
C SER A 90 9.66 -20.04 4.22
N PHE A 91 9.42 -20.90 3.23
CA PHE A 91 9.36 -20.46 1.84
C PHE A 91 8.16 -19.55 1.60
N GLU A 92 7.02 -19.91 2.16
CA GLU A 92 5.84 -19.05 2.07
C GLU A 92 6.03 -17.74 2.82
N ASP A 93 6.80 -17.75 3.92
CA ASP A 93 7.05 -16.49 4.63
C ASP A 93 7.87 -15.51 3.80
N ILE A 94 8.53 -15.98 2.75
CA ILE A 94 9.42 -15.11 1.96
C ILE A 94 8.64 -13.96 1.35
N HIS A 95 7.53 -14.29 0.68
CA HIS A 95 6.69 -13.27 0.07
C HIS A 95 6.36 -12.17 1.07
N HIS A 96 6.03 -12.56 2.31
CA HIS A 96 5.66 -11.58 3.31
C HIS A 96 6.85 -10.73 3.75
N TYR A 97 8.03 -11.35 3.88
CA TYR A 97 9.21 -10.54 4.20
C TYR A 97 9.49 -9.54 3.08
N ARG A 98 9.44 -9.99 1.83
CA ARG A 98 9.72 -9.09 0.70
C ARG A 98 8.72 -7.93 0.67
N GLU A 99 7.43 -8.23 0.80
CA GLU A 99 6.44 -7.16 0.78
C GLU A 99 6.69 -6.19 1.92
N GLN A 100 7.01 -6.70 3.10
CA GLN A 100 7.30 -5.81 4.23
C GLN A 100 8.47 -4.89 3.92
N ILE A 101 9.54 -5.44 3.33
CA ILE A 101 10.69 -4.61 2.96
C ILE A 101 10.29 -3.56 1.93
N LYS A 102 9.50 -3.95 0.94
CA LYS A 102 9.05 -2.97 -0.06
C LYS A 102 8.20 -1.89 0.58
N ARG A 103 7.33 -2.28 1.53
CA ARG A 103 6.45 -1.31 2.18
C ARG A 103 7.23 -0.30 3.01
N VAL A 104 8.21 -0.78 3.78
CA VAL A 104 9.01 0.12 4.61
C VAL A 104 9.88 1.03 3.75
N LYS A 105 10.52 0.45 2.73
CA LYS A 105 11.32 1.23 1.80
C LYS A 105 10.49 2.04 0.82
N ASP A 106 9.17 1.81 0.79
CA ASP A 106 8.28 2.38 -0.22
C ASP A 106 8.87 2.26 -1.62
N SER A 107 9.35 1.06 -1.95
CA SER A 107 10.01 0.87 -3.23
C SER A 107 9.85 -0.58 -3.67
N GLU A 108 9.54 -0.76 -4.94
CA GLU A 108 9.49 -2.10 -5.53
C GLU A 108 10.86 -2.56 -6.01
N ASP A 109 11.89 -1.74 -5.85
CA ASP A 109 13.24 -1.98 -6.38
C ASP A 109 14.25 -1.85 -5.24
N VAL A 110 14.43 -2.92 -4.48
CA VAL A 110 15.31 -2.97 -3.33
C VAL A 110 16.31 -4.09 -3.57
N PRO A 111 17.62 -3.86 -3.45
CA PRO A 111 18.60 -4.96 -3.60
C PRO A 111 18.28 -6.12 -2.66
N MET A 112 18.14 -7.30 -3.25
CA MET A 112 17.73 -8.49 -2.53
C MET A 112 18.31 -9.71 -3.21
N VAL A 113 18.55 -10.75 -2.42
CA VAL A 113 18.94 -12.05 -2.95
C VAL A 113 18.11 -13.08 -2.21
N LEU A 114 17.50 -13.99 -2.96
CA LEU A 114 16.76 -15.09 -2.36
C LEU A 114 17.72 -16.23 -2.05
N VAL A 115 17.65 -16.77 -0.84
CA VAL A 115 18.62 -17.74 -0.36
C VAL A 115 17.86 -18.96 0.14
N GLY A 116 18.08 -20.13 -0.50
CA GLY A 116 17.54 -21.38 -0.02
C GLY A 116 18.58 -22.14 0.77
N ASN A 117 18.46 -22.11 2.09
CA ASN A 117 19.50 -22.63 2.97
C ASN A 117 19.20 -24.09 3.36
N LYS A 118 20.21 -24.73 3.97
CA LYS A 118 20.18 -26.13 4.43
C LYS A 118 20.14 -27.11 3.25
N CYS A 119 20.83 -26.77 2.16
CA CYS A 119 20.81 -27.66 1.00
C CYS A 119 21.59 -28.95 1.22
N ASP A 120 22.31 -29.06 2.34
CA ASP A 120 22.95 -30.33 2.71
C ASP A 120 21.95 -31.37 3.21
N LEU A 121 20.71 -30.99 3.48
CA LEU A 121 19.80 -31.96 4.11
C LEU A 121 19.02 -32.74 3.06
N PRO A 122 18.77 -34.03 3.30
CA PRO A 122 18.01 -34.82 2.31
C PRO A 122 16.52 -34.56 2.32
N SER A 123 15.95 -34.10 3.43
CA SER A 123 14.50 -34.01 3.58
C SER A 123 13.89 -32.83 2.82
N ARG A 124 14.26 -32.66 1.55
CA ARG A 124 13.87 -31.46 0.83
C ARG A 124 12.37 -31.43 0.55
N THR A 125 11.75 -30.27 0.77
CA THR A 125 10.34 -30.05 0.48
C THR A 125 10.09 -28.88 -0.46
N VAL A 126 11.07 -28.02 -0.71
CA VAL A 126 10.95 -26.92 -1.66
C VAL A 126 11.85 -27.24 -2.84
N ASP A 127 11.27 -27.29 -4.03
CA ASP A 127 11.99 -27.66 -5.24
C ASP A 127 12.83 -26.52 -5.76
N THR A 128 14.05 -26.85 -6.20
CA THR A 128 14.96 -25.83 -6.73
C THR A 128 14.30 -25.01 -7.83
N LYS A 129 13.58 -25.67 -8.75
CA LYS A 129 12.94 -24.95 -9.85
C LYS A 129 11.85 -24.01 -9.34
N GLN A 130 11.18 -24.40 -8.26
CA GLN A 130 10.15 -23.55 -7.67
C GLN A 130 10.74 -22.25 -7.12
N ALA A 131 11.87 -22.35 -6.42
CA ALA A 131 12.54 -21.14 -5.95
C ALA A 131 13.16 -20.37 -7.10
N GLN A 132 13.73 -21.06 -8.08
CA GLN A 132 14.27 -20.38 -9.25
C GLN A 132 13.18 -19.58 -9.96
N ASP A 133 12.00 -20.20 -10.14
CA ASP A 133 10.88 -19.50 -10.77
C ASP A 133 10.44 -18.30 -9.95
N LEU A 134 10.34 -18.47 -8.63
CA LEU A 134 9.94 -17.34 -7.78
C LEU A 134 10.94 -16.20 -7.85
N ALA A 135 12.23 -16.51 -7.75
CA ALA A 135 13.24 -15.47 -7.86
C ALA A 135 13.16 -14.79 -9.22
N ARG A 136 12.98 -15.57 -10.28
CA ARG A 136 12.89 -15.01 -11.62
C ARG A 136 11.75 -14.00 -11.73
N SER A 137 10.61 -14.28 -11.09
CA SER A 137 9.48 -13.36 -11.13
C SER A 137 9.70 -12.12 -10.26
N TYR A 138 10.57 -12.21 -9.26
CA TYR A 138 10.96 -11.04 -8.48
C TYR A 138 12.01 -10.20 -9.19
N GLY A 139 12.72 -10.76 -10.17
CA GLY A 139 13.86 -10.10 -10.75
C GLY A 139 15.09 -10.06 -9.87
N ILE A 140 15.31 -11.08 -9.04
CA ILE A 140 16.45 -11.11 -8.12
C ILE A 140 17.17 -12.43 -8.26
N PRO A 141 18.45 -12.50 -7.89
CA PRO A 141 19.17 -13.76 -7.97
C PRO A 141 18.68 -14.74 -6.90
N PHE A 142 18.93 -16.03 -7.15
CA PHE A 142 18.63 -17.10 -6.20
C PHE A 142 19.86 -17.97 -6.04
N ILE A 143 20.23 -18.26 -4.79
CA ILE A 143 21.40 -19.08 -4.49
C ILE A 143 21.01 -20.11 -3.43
N GLU A 144 21.38 -21.37 -3.66
CA GLU A 144 21.21 -22.39 -2.63
C GLU A 144 22.47 -22.41 -1.78
N THR A 145 22.29 -22.52 -0.47
CA THR A 145 23.39 -22.46 0.47
C THR A 145 23.28 -23.59 1.48
N SER A 146 24.41 -23.87 2.12
CA SER A 146 24.44 -24.63 3.37
C SER A 146 25.41 -23.97 4.32
N ALA A 147 24.91 -23.53 5.48
CA ALA A 147 25.79 -23.01 6.51
C ALA A 147 26.64 -24.11 7.13
N LYS A 148 26.18 -25.36 7.05
CA LYS A 148 26.93 -26.49 7.55
C LYS A 148 28.15 -26.80 6.67
N THR A 149 27.96 -26.86 5.35
CA THR A 149 29.07 -27.20 4.45
C THR A 149 29.77 -25.98 3.85
N ARG A 150 29.25 -24.77 4.07
CA ARG A 150 29.69 -23.50 3.50
C ARG A 150 29.30 -23.36 2.03
N GLN A 151 28.63 -24.33 1.42
CA GLN A 151 28.20 -24.16 0.03
C GLN A 151 27.46 -22.84 -0.16
N GLY A 152 27.89 -22.05 -1.13
CA GLY A 152 27.18 -20.85 -1.51
C GLY A 152 27.22 -19.69 -0.54
N VAL A 153 27.87 -19.83 0.63
CA VAL A 153 27.84 -18.76 1.63
C VAL A 153 28.50 -17.50 1.09
N ASP A 154 29.75 -17.62 0.63
CA ASP A 154 30.40 -16.46 0.05
C ASP A 154 29.61 -15.91 -1.13
N ASP A 155 29.12 -16.80 -2.00
CA ASP A 155 28.44 -16.34 -3.21
C ASP A 155 27.19 -15.54 -2.87
N ALA A 156 26.45 -15.95 -1.84
CA ALA A 156 25.22 -15.25 -1.49
C ALA A 156 25.50 -13.82 -1.04
N PHE A 157 26.43 -13.64 -0.10
CA PHE A 157 26.76 -12.30 0.37
C PHE A 157 27.44 -11.48 -0.73
N TYR A 158 28.30 -12.09 -1.53
CA TYR A 158 28.96 -11.32 -2.58
C TYR A 158 27.97 -10.88 -3.65
N THR A 159 27.03 -11.76 -4.00
CA THR A 159 26.01 -11.42 -4.99
C THR A 159 25.15 -10.26 -4.50
N LEU A 160 24.84 -10.21 -3.21
CA LEU A 160 24.07 -9.09 -2.68
C LEU A 160 24.86 -7.80 -2.75
N VAL A 161 26.17 -7.86 -2.47
CA VAL A 161 27.00 -6.67 -2.63
C VAL A 161 26.94 -6.19 -4.08
N ARG A 162 27.04 -7.11 -5.04
CA ARG A 162 26.95 -6.72 -6.44
C ARG A 162 25.59 -6.07 -6.74
N GLU A 163 24.52 -6.61 -6.17
CA GLU A 163 23.20 -6.02 -6.38
C GLU A 163 23.11 -4.60 -5.80
N ILE A 164 23.59 -4.42 -4.58
CA ILE A 164 23.58 -3.10 -3.96
C ILE A 164 24.40 -2.12 -4.79
N ARG A 165 25.57 -2.56 -5.24
CA ARG A 165 26.44 -1.71 -6.06
C ARG A 165 25.72 -1.25 -7.32
N LYS A 166 25.03 -2.17 -8.00
CA LYS A 166 24.28 -1.77 -9.19
C LYS A 166 23.20 -0.77 -8.86
N HIS A 167 22.62 -0.85 -7.67
CA HIS A 167 21.55 0.07 -7.28
C HIS A 167 22.10 1.45 -6.95
N LYS A 168 23.26 1.51 -6.29
CA LYS A 168 23.88 2.80 -5.98
C LYS A 168 24.29 3.55 -7.23
N GLU A 169 24.57 2.83 -8.32
CA GLU A 169 25.13 3.42 -9.52
C GLU A 169 24.16 3.35 -10.71
N SER B 1 15.95 18.43 -9.31
CA SER B 1 14.97 18.60 -10.38
C SER B 1 14.16 17.32 -10.55
N MET B 2 12.84 17.43 -10.69
CA MET B 2 11.98 16.27 -10.78
C MET B 2 11.94 15.70 -12.18
N THR B 3 11.80 14.37 -12.26
CA THR B 3 11.48 13.72 -13.53
C THR B 3 9.97 13.75 -13.77
N GLU B 4 9.56 14.24 -14.93
CA GLU B 4 8.14 14.33 -15.28
C GLU B 4 7.68 13.07 -16.01
N TYR B 5 6.49 12.61 -15.67
CA TYR B 5 5.83 11.48 -16.34
C TYR B 5 4.48 11.95 -16.85
N LYS B 6 4.19 11.68 -18.13
CA LYS B 6 2.93 12.09 -18.77
C LYS B 6 1.99 10.89 -18.85
N LEU B 7 1.07 10.78 -17.91
CA LEU B 7 0.09 9.70 -17.92
C LEU B 7 -1.23 10.16 -18.49
N VAL B 8 -1.91 9.26 -19.20
CA VAL B 8 -3.21 9.55 -19.81
C VAL B 8 -4.20 8.46 -19.41
N VAL B 9 -5.35 8.86 -18.88
CA VAL B 9 -6.39 7.92 -18.46
C VAL B 9 -7.46 7.87 -19.56
N VAL B 10 -7.71 6.66 -20.09
CA VAL B 10 -8.63 6.46 -21.20
C VAL B 10 -9.61 5.33 -20.90
N GLY B 11 -10.71 5.33 -21.63
CA GLY B 11 -11.74 4.30 -21.49
C GLY B 11 -13.13 4.86 -21.73
N ALA B 12 -14.09 3.94 -21.80
CA ALA B 12 -15.46 4.31 -22.12
C ALA B 12 -16.05 5.29 -21.09
N GLY B 13 -17.11 5.98 -21.49
CA GLY B 13 -17.72 6.95 -20.61
C GLY B 13 -18.34 6.27 -19.40
N GLY B 14 -18.09 6.86 -18.22
CA GLY B 14 -18.72 6.39 -17.00
C GLY B 14 -18.04 5.24 -16.30
N VAL B 15 -16.89 4.77 -16.79
CA VAL B 15 -16.23 3.63 -16.15
C VAL B 15 -15.55 4.02 -14.86
N GLY B 16 -15.26 5.32 -14.68
CA GLY B 16 -14.72 5.83 -13.43
C GLY B 16 -13.32 6.41 -13.56
N LYS B 17 -12.96 6.88 -14.76
CA LYS B 17 -11.63 7.48 -14.98
C LYS B 17 -11.39 8.66 -14.06
N SER B 18 -12.38 9.55 -13.96
CA SER B 18 -12.20 10.74 -13.14
C SER B 18 -12.29 10.38 -11.66
N ALA B 19 -13.18 9.46 -11.27
CA ALA B 19 -13.25 9.08 -9.87
C ALA B 19 -11.92 8.51 -9.40
N LEU B 20 -11.26 7.74 -10.26
CA LEU B 20 -9.95 7.19 -9.90
C LEU B 20 -8.92 8.30 -9.76
N THR B 21 -8.88 9.20 -10.74
CA THR B 21 -7.89 10.28 -10.75
C THR B 21 -8.07 11.20 -9.57
N ILE B 22 -9.31 11.54 -9.24
CA ILE B 22 -9.55 12.49 -8.16
C ILE B 22 -9.29 11.83 -6.81
N GLN B 23 -9.52 10.52 -6.68
CA GLN B 23 -9.09 9.84 -5.46
C GLN B 23 -7.59 9.97 -5.28
N LEU B 24 -6.83 9.72 -6.36
CA LEU B 24 -5.37 9.81 -6.31
C LEU B 24 -4.92 11.23 -5.97
N ILE B 25 -5.47 12.22 -6.68
CA ILE B 25 -4.99 13.60 -6.53
C ILE B 25 -5.51 14.25 -5.25
N GLN B 26 -6.83 14.15 -4.99
CA GLN B 26 -7.47 14.95 -3.94
C GLN B 26 -7.96 14.12 -2.74
N ASN B 27 -7.86 12.79 -2.76
CA ASN B 27 -8.41 11.97 -1.69
C ASN B 27 -9.91 12.24 -1.49
N HIS B 28 -10.62 12.38 -2.59
CA HIS B 28 -12.05 12.67 -2.61
C HIS B 28 -12.72 11.67 -3.54
N PHE B 29 -13.89 11.16 -3.18
CA PHE B 29 -14.66 10.30 -4.09
C PHE B 29 -15.80 11.09 -4.71
N VAL B 30 -15.80 11.20 -6.04
CA VAL B 30 -16.87 11.89 -6.74
CA VAL B 30 -16.87 11.88 -6.76
C VAL B 30 -17.99 10.87 -6.95
N ASP B 31 -19.04 10.98 -6.14
CA ASP B 31 -20.16 10.04 -6.22
C ASP B 31 -21.14 10.42 -7.32
N GLU B 32 -21.15 11.68 -7.76
CA GLU B 32 -22.00 12.12 -8.85
C GLU B 32 -21.31 11.89 -10.19
N TYR B 33 -22.12 11.86 -11.26
CA TYR B 33 -21.65 11.60 -12.61
C TYR B 33 -21.54 12.93 -13.35
N ASP B 34 -20.30 13.41 -13.50
CA ASP B 34 -19.96 14.70 -14.10
C ASP B 34 -19.05 14.39 -15.28
N PRO B 35 -19.60 14.17 -16.48
CA PRO B 35 -18.77 13.69 -17.58
C PRO B 35 -17.70 14.71 -17.96
N THR B 36 -16.52 14.18 -18.28
CA THR B 36 -15.32 14.98 -18.47
C THR B 36 -15.28 15.59 -19.85
N ILE B 37 -14.83 16.86 -19.93
CA ILE B 37 -14.41 17.42 -21.21
C ILE B 37 -12.94 17.13 -21.39
N GLU B 38 -12.11 17.68 -20.50
CA GLU B 38 -10.68 17.39 -20.47
C GLU B 38 -10.09 18.01 -19.22
N ASP B 39 -9.32 17.25 -18.44
CA ASP B 39 -8.74 17.82 -17.24
C ASP B 39 -7.32 17.33 -17.06
N SER B 40 -6.47 18.21 -16.55
CA SER B 40 -5.07 17.90 -16.29
C SER B 40 -4.80 18.08 -14.81
N TYR B 41 -3.99 17.19 -14.25
CA TYR B 41 -3.63 17.25 -12.85
C TYR B 41 -2.13 17.08 -12.71
N ARG B 42 -1.63 17.47 -11.55
CA ARG B 42 -0.20 17.49 -11.31
C ARG B 42 0.04 17.02 -9.89
N LYS B 43 0.94 16.06 -9.71
CA LYS B 43 1.19 15.53 -8.38
C LYS B 43 2.66 15.18 -8.26
N GLN B 44 3.30 15.60 -7.16
CA GLN B 44 4.66 15.13 -6.88
C GLN B 44 4.57 13.93 -5.96
N VAL B 45 5.44 12.95 -6.19
CA VAL B 45 5.43 11.73 -5.41
C VAL B 45 6.78 11.05 -5.57
N VAL B 46 7.19 10.31 -4.55
CA VAL B 46 8.44 9.55 -4.61
C VAL B 46 8.09 8.11 -4.96
N ILE B 47 8.59 7.63 -6.09
CA ILE B 47 8.33 6.28 -6.53
C ILE B 47 9.68 5.58 -6.67
N ASP B 48 9.86 4.47 -5.94
CA ASP B 48 11.11 3.73 -5.93
C ASP B 48 12.30 4.67 -5.73
N GLY B 49 12.22 5.49 -4.68
CA GLY B 49 13.28 6.40 -4.32
C GLY B 49 13.42 7.63 -5.18
N GLU B 50 12.76 7.70 -6.33
CA GLU B 50 12.91 8.80 -7.28
C GLU B 50 11.75 9.78 -7.11
N THR B 51 12.08 11.08 -7.01
CA THR B 51 11.04 12.12 -6.95
C THR B 51 10.48 12.35 -8.35
N CYS B 52 9.18 12.09 -8.50
CA CYS B 52 8.49 12.18 -9.78
C CYS B 52 7.48 13.32 -9.74
N LEU B 53 7.30 13.99 -10.87
CA LEU B 53 6.16 14.89 -11.09
C LEU B 53 5.25 14.19 -12.07
N LEU B 54 4.06 13.79 -11.62
CA LEU B 54 3.12 13.14 -12.52
C LEU B 54 2.24 14.20 -13.16
N ASP B 55 2.21 14.22 -14.49
CA ASP B 55 1.31 15.07 -15.25
C ASP B 55 0.24 14.17 -15.85
N ILE B 56 -0.97 14.25 -15.31
CA ILE B 56 -2.02 13.26 -15.59
C ILE B 56 -3.12 13.94 -16.39
N LEU B 57 -3.37 13.44 -17.58
CA LEU B 57 -4.46 13.89 -18.42
C LEU B 57 -5.65 12.96 -18.24
N ASP B 58 -6.76 13.51 -17.78
CA ASP B 58 -8.00 12.77 -17.62
C ASP B 58 -8.86 13.10 -18.85
N THR B 59 -9.09 12.11 -19.70
CA THR B 59 -9.75 12.33 -21.00
C THR B 59 -11.23 11.98 -20.93
N ALA B 60 -11.93 12.40 -21.98
CA ALA B 60 -13.36 12.18 -22.09
C ALA B 60 -13.63 10.78 -22.64
N GLY B 61 -14.56 10.05 -22.00
CA GLY B 61 -14.98 8.78 -22.56
C GLY B 61 -15.98 8.88 -23.67
N HIS B 62 -16.46 10.08 -23.97
CA HIS B 62 -17.47 10.30 -25.00
C HIS B 62 -17.03 9.79 -26.36
N GLU B 63 -17.70 8.75 -26.87
CA GLU B 63 -17.24 8.06 -28.07
C GLU B 63 -17.27 8.92 -29.33
N GLU B 64 -17.99 10.06 -29.31
CA GLU B 64 -18.10 10.87 -30.52
C GLU B 64 -16.74 11.37 -31.00
N TYR B 65 -15.77 11.54 -30.11
CA TYR B 65 -14.56 12.31 -30.42
C TYR B 65 -13.32 11.45 -30.52
N SER B 66 -13.47 10.21 -31.01
CA SER B 66 -12.30 9.34 -31.16
C SER B 66 -11.26 9.94 -32.11
N ALA B 67 -11.67 10.86 -32.99
CA ALA B 67 -10.69 11.51 -33.86
C ALA B 67 -9.87 12.57 -33.11
N MET B 68 -10.43 13.16 -32.04
CA MET B 68 -9.71 14.15 -31.26
C MET B 68 -8.75 13.52 -30.25
N ARG B 69 -8.81 12.21 -30.06
CA ARG B 69 -7.94 11.50 -29.11
C ARG B 69 -6.51 11.38 -29.60
N ASP B 70 -6.29 11.49 -30.91
CA ASP B 70 -4.97 11.18 -31.46
C ASP B 70 -3.91 12.15 -30.96
N GLN B 71 -4.25 13.41 -30.71
CA GLN B 71 -3.22 14.35 -30.25
C GLN B 71 -2.82 14.07 -28.81
N TYR B 72 -3.76 13.69 -27.95
CA TYR B 72 -3.34 13.40 -26.59
C TYR B 72 -2.60 12.07 -26.52
N MET B 73 -2.89 11.16 -27.46
CA MET B 73 -2.16 9.92 -27.50
C MET B 73 -0.74 10.14 -28.00
N ARG B 74 -0.53 11.08 -28.93
CA ARG B 74 0.83 11.38 -29.38
C ARG B 74 1.69 11.87 -28.22
N THR B 75 1.12 12.71 -27.36
CA THR B 75 1.85 13.36 -26.27
C THR B 75 2.03 12.45 -25.06
N GLY B 76 1.06 11.57 -24.78
CA GLY B 76 1.12 10.77 -23.58
C GLY B 76 2.24 9.74 -23.66
N GLU B 77 2.87 9.49 -22.51
CA GLU B 77 3.92 8.49 -22.39
C GLU B 77 3.40 7.15 -21.90
N GLY B 78 2.30 7.12 -21.17
CA GLY B 78 1.74 5.86 -20.71
C GLY B 78 0.24 6.02 -20.53
N PHE B 79 -0.47 4.89 -20.66
CA PHE B 79 -1.92 4.94 -20.70
C PHE B 79 -2.52 4.01 -19.67
N LEU B 80 -3.42 4.53 -18.87
CA LEU B 80 -4.25 3.74 -17.97
C LEU B 80 -5.55 3.44 -18.72
N CYS B 81 -5.76 2.18 -19.08
CA CYS B 81 -6.91 1.77 -19.90
C CYS B 81 -7.97 1.17 -18.98
N VAL B 82 -9.05 1.93 -18.73
CA VAL B 82 -9.98 1.61 -17.67
C VAL B 82 -11.28 1.05 -18.27
N PHE B 83 -11.78 -0.03 -17.69
CA PHE B 83 -13.17 -0.46 -17.93
C PHE B 83 -13.83 -0.68 -16.58
N ALA B 84 -15.16 -0.89 -16.60
CA ALA B 84 -15.92 -1.17 -15.39
C ALA B 84 -16.41 -2.61 -15.42
N ILE B 85 -16.25 -3.32 -14.31
CA ILE B 85 -16.46 -4.76 -14.28
C ILE B 85 -17.93 -5.13 -14.40
N ASN B 86 -18.81 -4.12 -14.35
CA ASN B 86 -20.24 -4.35 -14.56
C ASN B 86 -20.69 -3.89 -15.95
N ASN B 87 -19.75 -3.58 -16.84
CA ASN B 87 -20.04 -2.98 -18.15
C ASN B 87 -19.26 -3.75 -19.21
N THR B 88 -19.89 -4.79 -19.78
CA THR B 88 -19.21 -5.61 -20.78
C THR B 88 -18.79 -4.78 -21.99
N LYS B 89 -19.64 -3.85 -22.42
CA LYS B 89 -19.31 -3.00 -23.55
C LYS B 89 -18.03 -2.21 -23.30
N SER B 90 -17.86 -1.69 -22.08
CA SER B 90 -16.63 -0.96 -21.79
C SER B 90 -15.41 -1.86 -21.87
N PHE B 91 -15.60 -3.15 -21.58
CA PHE B 91 -14.49 -4.10 -21.69
C PHE B 91 -14.16 -4.34 -23.16
N GLU B 92 -15.17 -4.50 -24.01
CA GLU B 92 -14.94 -4.68 -25.44
C GLU B 92 -14.24 -3.47 -26.04
N ASP B 93 -14.59 -2.25 -25.57
CA ASP B 93 -13.95 -1.03 -26.06
C ASP B 93 -12.43 -1.05 -25.85
N ILE B 94 -11.95 -1.77 -24.83
CA ILE B 94 -10.53 -1.73 -24.48
C ILE B 94 -9.67 -2.05 -25.69
N HIS B 95 -10.06 -3.09 -26.44
CA HIS B 95 -9.30 -3.47 -27.63
C HIS B 95 -9.19 -2.30 -28.61
N HIS B 96 -10.25 -1.52 -28.76
CA HIS B 96 -10.23 -0.40 -29.70
C HIS B 96 -9.33 0.73 -29.20
N TYR B 97 -9.36 1.01 -27.89
CA TYR B 97 -8.44 2.00 -27.34
C TYR B 97 -6.99 1.57 -27.53
N ARG B 98 -6.68 0.29 -27.25
CA ARG B 98 -5.31 -0.18 -27.40
C ARG B 98 -4.86 -0.14 -28.85
N GLU B 99 -5.74 -0.52 -29.77
CA GLU B 99 -5.39 -0.47 -31.20
C GLU B 99 -5.14 0.97 -31.63
N GLN B 100 -5.98 1.91 -31.19
CA GLN B 100 -5.77 3.29 -31.56
C GLN B 100 -4.45 3.82 -30.99
N ILE B 101 -4.18 3.52 -29.73
CA ILE B 101 -2.90 3.92 -29.14
C ILE B 101 -1.73 3.36 -29.94
N LYS B 102 -1.80 2.07 -30.28
CA LYS B 102 -0.68 1.46 -31.01
C LYS B 102 -0.51 2.10 -32.39
N ARG B 103 -1.61 2.46 -33.04
CA ARG B 103 -1.52 3.09 -34.35
C ARG B 103 -0.93 4.49 -34.24
N VAL B 104 -1.53 5.33 -33.38
CA VAL B 104 -1.10 6.72 -33.30
C VAL B 104 0.33 6.84 -32.78
N LYS B 105 0.73 5.92 -31.89
CA LYS B 105 2.11 5.88 -31.41
C LYS B 105 3.03 5.07 -32.31
N ASP B 106 2.47 4.28 -33.22
CA ASP B 106 3.25 3.44 -34.14
C ASP B 106 4.20 2.51 -33.38
N SER B 107 3.63 1.70 -32.48
CA SER B 107 4.44 0.76 -31.71
C SER B 107 3.56 -0.31 -31.08
N GLU B 108 4.12 -1.50 -30.93
CA GLU B 108 3.48 -2.59 -30.20
C GLU B 108 3.84 -2.59 -28.71
N ASP B 109 4.69 -1.66 -28.27
CA ASP B 109 5.30 -1.70 -26.94
C ASP B 109 5.12 -0.35 -26.24
N VAL B 110 3.87 0.06 -26.06
CA VAL B 110 3.53 1.32 -25.42
C VAL B 110 3.23 1.05 -23.94
N PRO B 111 3.77 1.83 -23.00
CA PRO B 111 3.45 1.60 -21.59
C PRO B 111 1.96 1.70 -21.34
N MET B 112 1.42 0.71 -20.64
CA MET B 112 -0.02 0.55 -20.52
C MET B 112 -0.34 -0.32 -19.32
N VAL B 113 -1.46 -0.01 -18.66
CA VAL B 113 -1.97 -0.81 -17.56
C VAL B 113 -3.47 -0.96 -17.78
N LEU B 114 -3.97 -2.19 -17.71
CA LEU B 114 -5.40 -2.43 -17.79
C LEU B 114 -6.02 -2.34 -16.41
N VAL B 115 -7.12 -1.60 -16.28
CA VAL B 115 -7.72 -1.33 -14.98
C VAL B 115 -9.18 -1.75 -15.02
N GLY B 116 -9.54 -2.70 -14.16
CA GLY B 116 -10.94 -3.06 -14.04
C GLY B 116 -11.55 -2.39 -12.82
N ASN B 117 -12.36 -1.35 -13.04
CA ASN B 117 -12.84 -0.50 -11.96
C ASN B 117 -14.23 -0.92 -11.51
N LYS B 118 -14.62 -0.41 -10.33
CA LYS B 118 -15.89 -0.67 -9.65
C LYS B 118 -15.94 -2.08 -9.08
N CYS B 119 -14.80 -2.60 -8.60
CA CYS B 119 -14.77 -3.96 -8.06
CA CYS B 119 -14.81 -3.96 -8.06
C CYS B 119 -15.56 -4.09 -6.75
N ASP B 120 -16.05 -2.98 -6.20
CA ASP B 120 -16.94 -3.02 -5.04
C ASP B 120 -18.35 -3.50 -5.39
N LEU B 121 -18.73 -3.48 -6.69
CA LEU B 121 -20.12 -3.72 -7.07
C LEU B 121 -20.45 -5.21 -7.04
N PRO B 122 -21.65 -5.60 -6.61
CA PRO B 122 -22.05 -7.01 -6.73
C PRO B 122 -22.41 -7.44 -8.14
N SER B 123 -22.74 -6.47 -9.01
CA SER B 123 -23.38 -6.75 -10.29
C SER B 123 -22.39 -7.04 -11.41
N ARG B 124 -21.48 -7.98 -11.22
CA ARG B 124 -20.31 -8.11 -12.09
C ARG B 124 -20.63 -8.89 -13.36
N THR B 125 -20.19 -8.36 -14.49
CA THR B 125 -20.40 -9.01 -15.78
C THR B 125 -19.10 -9.36 -16.49
N VAL B 126 -17.96 -8.88 -16.01
CA VAL B 126 -16.66 -9.22 -16.58
C VAL B 126 -15.87 -9.96 -15.50
N ASP B 127 -15.58 -11.24 -15.74
CA ASP B 127 -14.82 -12.02 -14.77
C ASP B 127 -13.37 -11.51 -14.68
N THR B 128 -12.81 -11.57 -13.47
CA THR B 128 -11.38 -11.31 -13.29
C THR B 128 -10.52 -12.13 -14.26
N LYS B 129 -10.86 -13.41 -14.46
CA LYS B 129 -10.05 -14.26 -15.33
C LYS B 129 -10.07 -13.77 -16.77
N GLN B 130 -11.23 -13.31 -17.24
CA GLN B 130 -11.34 -12.76 -18.59
C GLN B 130 -10.35 -11.61 -18.78
N ALA B 131 -10.27 -10.71 -17.82
CA ALA B 131 -9.39 -9.55 -17.94
C ALA B 131 -7.94 -9.94 -17.74
N GLN B 132 -7.67 -10.88 -16.83
CA GLN B 132 -6.30 -11.37 -16.69
C GLN B 132 -5.81 -11.99 -17.99
N ASP B 133 -6.67 -12.77 -18.65
CA ASP B 133 -6.28 -13.44 -19.89
C ASP B 133 -6.03 -12.42 -21.00
N LEU B 134 -6.85 -11.38 -21.09
CA LEU B 134 -6.61 -10.31 -22.07
C LEU B 134 -5.31 -9.59 -21.75
N ALA B 135 -5.12 -9.20 -20.49
CA ALA B 135 -3.89 -8.53 -20.11
C ALA B 135 -2.67 -9.41 -20.40
N ARG B 136 -2.81 -10.72 -20.22
CA ARG B 136 -1.69 -11.61 -20.52
C ARG B 136 -1.36 -11.57 -22.01
N SER B 137 -2.39 -11.60 -22.86
CA SER B 137 -2.17 -11.54 -24.30
C SER B 137 -1.54 -10.22 -24.74
N TYR B 138 -1.83 -9.13 -24.02
CA TYR B 138 -1.21 -7.84 -24.30
C TYR B 138 0.19 -7.72 -23.74
N GLY B 139 0.55 -8.55 -22.76
CA GLY B 139 1.80 -8.37 -22.03
C GLY B 139 1.84 -7.16 -21.12
N ILE B 140 0.72 -6.82 -20.49
CA ILE B 140 0.66 -5.62 -19.65
C ILE B 140 0.05 -5.99 -18.30
N PRO B 141 0.35 -5.22 -17.25
CA PRO B 141 -0.26 -5.47 -15.94
C PRO B 141 -1.76 -5.26 -15.98
N PHE B 142 -2.44 -5.96 -15.06
CA PHE B 142 -3.87 -5.80 -14.84
C PHE B 142 -4.12 -5.62 -13.35
N ILE B 143 -4.91 -4.59 -13.00
CA ILE B 143 -5.23 -4.27 -11.61
CA ILE B 143 -5.23 -4.29 -11.61
C ILE B 143 -6.73 -4.02 -11.51
N GLU B 144 -7.39 -4.66 -10.54
CA GLU B 144 -8.79 -4.35 -10.24
C GLU B 144 -8.83 -3.23 -9.20
N THR B 145 -9.72 -2.25 -9.40
CA THR B 145 -9.74 -1.09 -8.51
C THR B 145 -11.17 -0.83 -8.09
N SER B 146 -11.30 0.01 -7.05
CA SER B 146 -12.57 0.66 -6.73
C SER B 146 -12.25 2.07 -6.29
N ALA B 147 -12.76 3.05 -7.02
CA ALA B 147 -12.63 4.43 -6.55
C ALA B 147 -13.52 4.68 -5.34
N LYS B 148 -14.62 3.92 -5.23
CA LYS B 148 -15.56 4.12 -4.13
C LYS B 148 -14.97 3.71 -2.79
N THR B 149 -14.24 2.59 -2.73
CA THR B 149 -13.57 2.16 -1.52
C THR B 149 -12.08 2.51 -1.50
N ARG B 150 -11.57 3.13 -2.55
CA ARG B 150 -10.14 3.38 -2.73
C ARG B 150 -9.32 2.11 -2.53
N GLN B 151 -9.62 1.12 -3.35
CA GLN B 151 -8.80 -0.08 -3.47
C GLN B 151 -8.04 -0.04 -4.78
N GLY B 152 -6.72 -0.25 -4.73
CA GLY B 152 -5.94 -0.36 -5.94
C GLY B 152 -5.60 0.95 -6.63
N VAL B 153 -6.03 2.09 -6.09
CA VAL B 153 -5.87 3.35 -6.81
C VAL B 153 -4.40 3.71 -6.99
N ASP B 154 -3.66 3.81 -5.87
CA ASP B 154 -2.23 4.09 -5.95
C ASP B 154 -1.53 3.07 -6.83
N ASP B 155 -1.89 1.79 -6.67
CA ASP B 155 -1.22 0.72 -7.39
C ASP B 155 -1.45 0.83 -8.89
N ALA B 156 -2.65 1.20 -9.30
CA ALA B 156 -2.90 1.41 -10.73
C ALA B 156 -1.97 2.49 -11.28
N PHE B 157 -1.97 3.68 -10.68
CA PHE B 157 -1.20 4.78 -11.27
C PHE B 157 0.31 4.54 -11.15
N TYR B 158 0.78 4.06 -9.99
CA TYR B 158 2.22 3.95 -9.81
C TYR B 158 2.80 2.76 -10.57
N THR B 159 1.99 1.72 -10.80
CA THR B 159 2.41 0.65 -11.70
C THR B 159 2.64 1.21 -13.10
N LEU B 160 1.78 2.12 -13.55
CA LEU B 160 1.97 2.73 -14.86
C LEU B 160 3.25 3.53 -14.93
N VAL B 161 3.56 4.29 -13.87
CA VAL B 161 4.84 5.01 -13.81
C VAL B 161 6.01 4.03 -13.94
N ARG B 162 5.95 2.94 -13.17
CA ARG B 162 7.02 1.95 -13.26
C ARG B 162 7.13 1.38 -14.67
N GLU B 163 5.98 1.21 -15.36
CA GLU B 163 6.03 0.72 -16.74
C GLU B 163 6.68 1.74 -17.67
N ILE B 164 6.39 3.03 -17.47
CA ILE B 164 7.01 4.04 -18.33
C ILE B 164 8.52 4.06 -18.12
N ARG B 165 8.94 4.06 -16.86
CA ARG B 165 10.37 4.07 -16.54
C ARG B 165 11.08 2.85 -17.11
N LYS B 166 10.46 1.68 -17.00
CA LYS B 166 11.08 0.47 -17.57
C LYS B 166 11.22 0.60 -19.09
N HIS B 167 10.21 1.18 -19.74
CA HIS B 167 10.28 1.40 -21.18
C HIS B 167 11.38 2.39 -21.55
N LYS B 168 11.55 3.45 -20.76
CA LYS B 168 12.60 4.42 -21.02
C LYS B 168 13.99 3.80 -20.92
N GLU B 169 14.13 2.78 -20.08
CA GLU B 169 15.44 2.18 -19.84
C GLU B 169 15.53 0.79 -20.46
N VAL C 3 -48.54 27.82 -30.66
CA VAL C 3 -47.77 29.00 -31.02
C VAL C 3 -46.47 29.03 -30.22
N ASN C 4 -45.42 29.56 -30.84
CA ASN C 4 -44.07 29.62 -30.27
C ASN C 4 -43.95 30.70 -29.21
N PRO C 5 -43.79 30.34 -27.94
CA PRO C 5 -43.63 31.36 -26.89
C PRO C 5 -42.23 31.97 -26.91
N THR C 6 -42.09 33.09 -26.21
CA THR C 6 -40.83 33.80 -26.04
C THR C 6 -40.50 33.87 -24.56
N VAL C 7 -39.27 33.53 -24.19
CA VAL C 7 -38.84 33.62 -22.80
C VAL C 7 -37.54 34.41 -22.74
N PHE C 8 -37.21 34.91 -21.55
CA PHE C 8 -36.03 35.74 -21.36
C PHE C 8 -35.22 35.27 -20.16
N PHE C 9 -33.91 35.49 -20.24
CA PHE C 9 -32.97 35.39 -19.12
C PHE C 9 -32.33 36.75 -18.89
N ASP C 10 -32.24 37.18 -17.64
CA ASP C 10 -31.38 38.30 -17.26
C ASP C 10 -30.09 37.74 -16.70
N ILE C 11 -28.98 37.92 -17.44
CA ILE C 11 -27.68 37.35 -17.11
C ILE C 11 -26.90 38.28 -16.20
N ALA C 12 -26.25 37.70 -15.18
CA ALA C 12 -25.35 38.46 -14.31
C ALA C 12 -23.99 37.78 -14.25
N VAL C 13 -22.97 38.60 -14.02
CA VAL C 13 -21.58 38.17 -13.90
C VAL C 13 -21.06 38.59 -12.53
N ASP C 14 -20.75 37.61 -11.68
CA ASP C 14 -20.43 37.84 -10.27
C ASP C 14 -21.44 38.80 -9.64
N GLY C 15 -22.72 38.62 -9.97
CA GLY C 15 -23.78 39.42 -9.39
C GLY C 15 -24.07 40.72 -10.11
N GLU C 16 -23.21 41.14 -11.04
CA GLU C 16 -23.45 42.40 -11.74
C GLU C 16 -24.21 42.16 -13.02
N PRO C 17 -25.28 42.92 -13.31
CA PRO C 17 -26.05 42.68 -14.53
C PRO C 17 -25.17 42.77 -15.79
N LEU C 18 -25.37 41.82 -16.70
CA LEU C 18 -24.71 41.83 -18.00
C LEU C 18 -25.66 42.26 -19.10
N GLY C 19 -26.83 41.67 -19.16
CA GLY C 19 -27.77 41.94 -20.23
C GLY C 19 -28.82 40.86 -20.29
N ARG C 20 -29.80 41.08 -21.17
CA ARG C 20 -30.94 40.19 -21.31
C ARG C 20 -30.81 39.40 -22.62
N VAL C 21 -31.09 38.09 -22.54
CA VAL C 21 -31.20 37.22 -23.71
C VAL C 21 -32.63 36.73 -23.79
N SER C 22 -33.25 36.85 -24.96
CA SER C 22 -34.57 36.29 -25.16
C SER C 22 -34.51 35.17 -26.20
N PHE C 23 -35.43 34.22 -26.06
CA PHE C 23 -35.47 33.01 -26.87
C PHE C 23 -36.86 32.79 -27.43
N GLU C 24 -36.93 32.43 -28.71
CA GLU C 24 -38.13 31.83 -29.27
C GLU C 24 -38.04 30.32 -29.11
N LEU C 25 -39.10 29.72 -28.56
CA LEU C 25 -39.16 28.28 -28.34
C LEU C 25 -40.03 27.64 -29.43
N PHE C 26 -39.50 26.57 -30.04
CA PHE C 26 -40.13 25.96 -31.22
C PHE C 26 -41.23 24.97 -30.81
N ALA C 27 -42.27 25.51 -30.18
CA ALA C 27 -43.38 24.67 -29.77
C ALA C 27 -44.13 24.08 -30.96
N ASP C 28 -44.00 24.68 -32.15
CA ASP C 28 -44.65 24.13 -33.34
C ASP C 28 -44.04 22.80 -33.78
N LYS C 29 -42.80 22.49 -33.37
CA LYS C 29 -42.14 21.27 -33.77
C LYS C 29 -41.70 20.39 -32.61
N VAL C 30 -41.41 20.96 -31.44
CA VAL C 30 -41.12 20.18 -30.23
C VAL C 30 -41.92 20.75 -29.08
N PRO C 31 -43.25 20.60 -29.09
CA PRO C 31 -44.07 21.22 -28.04
C PRO C 31 -43.71 20.79 -26.64
N LYS C 32 -43.38 19.52 -26.43
CA LYS C 32 -43.15 19.03 -25.07
C LYS C 32 -41.82 19.54 -24.52
N THR C 33 -40.80 19.60 -25.36
CA THR C 33 -39.51 20.15 -24.94
C THR C 33 -39.60 21.66 -24.75
N ALA C 34 -40.29 22.35 -25.67
CA ALA C 34 -40.49 23.78 -25.52
C ALA C 34 -41.25 24.11 -24.24
N GLU C 35 -42.30 23.34 -23.94
CA GLU C 35 -43.09 23.62 -22.75
C GLU C 35 -42.27 23.43 -21.48
N ASN C 36 -41.41 22.41 -21.45
CA ASN C 36 -40.54 22.21 -20.28
C ASN C 36 -39.67 23.44 -20.03
N PHE C 37 -39.00 23.94 -21.06
CA PHE C 37 -38.11 25.08 -20.88
C PHE C 37 -38.90 26.35 -20.54
N ARG C 38 -40.10 26.50 -21.14
CA ARG C 38 -40.95 27.64 -20.81
C ARG C 38 -41.31 27.65 -19.33
N ALA C 39 -41.82 26.52 -18.84
CA ALA C 39 -42.29 26.44 -17.45
C ALA C 39 -41.14 26.56 -16.46
N LEU C 40 -39.95 26.02 -16.80
CA LEU C 40 -38.78 26.23 -15.95
C LEU C 40 -38.32 27.67 -15.97
N SER C 41 -38.56 28.38 -17.07
CA SER C 41 -38.20 29.80 -17.11
C SER C 41 -39.17 30.66 -16.30
N THR C 42 -40.44 30.28 -16.21
CA THR C 42 -41.38 31.05 -15.41
C THR C 42 -41.32 30.69 -13.94
N GLY C 43 -40.87 29.48 -13.61
CA GLY C 43 -40.92 28.99 -12.25
C GLY C 43 -42.30 28.53 -11.80
N GLU C 44 -43.26 28.44 -12.71
CA GLU C 44 -44.66 28.27 -12.29
C GLU C 44 -44.92 26.91 -11.64
N LYS C 45 -44.02 25.94 -11.80
CA LYS C 45 -44.14 24.66 -11.12
C LYS C 45 -43.48 24.66 -9.75
N GLY C 46 -42.94 25.78 -9.30
CA GLY C 46 -42.28 25.84 -8.01
C GLY C 46 -40.78 25.59 -8.04
N PHE C 47 -40.19 25.46 -9.23
CA PHE C 47 -38.75 25.30 -9.40
C PHE C 47 -38.40 25.70 -10.83
N GLY C 48 -37.13 26.01 -11.05
CA GLY C 48 -36.72 26.40 -12.39
C GLY C 48 -35.38 27.12 -12.38
N TYR C 49 -35.15 27.86 -13.47
CA TYR C 49 -33.83 28.36 -13.83
C TYR C 49 -33.38 29.56 -13.00
N LYS C 50 -34.31 30.32 -12.42
CA LYS C 50 -33.92 31.55 -11.73
C LYS C 50 -32.87 31.25 -10.65
N GLY C 51 -31.75 31.99 -10.70
CA GLY C 51 -30.69 31.82 -9.73
C GLY C 51 -29.66 30.77 -10.08
N SER C 52 -29.88 29.95 -11.11
CA SER C 52 -28.92 28.93 -11.49
C SER C 52 -27.82 29.56 -12.35
N CYS C 53 -26.77 28.79 -12.60
CA CYS C 53 -25.58 29.32 -13.26
C CYS C 53 -25.31 28.63 -14.60
N PHE C 54 -24.54 29.30 -15.44
CA PHE C 54 -23.94 28.67 -16.62
C PHE C 54 -22.62 28.06 -16.17
N HIS C 55 -22.58 26.73 -16.03
CA HIS C 55 -21.42 26.07 -15.45
C HIS C 55 -20.35 25.72 -16.47
N ARG C 56 -20.66 25.81 -17.76
CA ARG C 56 -19.72 25.41 -18.79
C ARG C 56 -19.85 26.36 -19.96
N ILE C 57 -18.76 27.06 -20.28
CA ILE C 57 -18.74 28.01 -21.38
C ILE C 57 -17.44 27.76 -22.14
N ILE C 58 -17.56 27.29 -23.38
CA ILE C 58 -16.42 26.93 -24.19
C ILE C 58 -16.43 27.80 -25.44
N PRO C 59 -15.56 28.81 -25.49
CA PRO C 59 -15.63 29.78 -26.59
C PRO C 59 -15.44 29.11 -27.94
N GLY C 60 -16.23 29.53 -28.91
CA GLY C 60 -16.23 28.90 -30.22
C GLY C 60 -17.18 27.74 -30.35
N PHE C 61 -17.82 27.32 -29.25
CA PHE C 61 -18.76 26.21 -29.30
C PHE C 61 -20.10 26.54 -28.64
N MET C 62 -20.18 26.69 -27.32
CA MET C 62 -21.49 26.83 -26.70
C MET C 62 -21.37 27.29 -25.25
N CYS C 63 -22.51 27.73 -24.70
CA CYS C 63 -22.69 28.02 -23.28
C CYS C 63 -23.74 27.05 -22.73
N GLN C 64 -23.40 26.34 -21.64
CA GLN C 64 -24.30 25.35 -21.06
C GLN C 64 -24.67 25.69 -19.62
N GLY C 65 -25.94 25.50 -19.26
CA GLY C 65 -26.39 25.74 -17.92
C GLY C 65 -27.62 24.93 -17.58
N GLY C 66 -28.36 25.39 -16.57
CA GLY C 66 -29.66 24.82 -16.27
C GLY C 66 -29.73 23.84 -15.11
N ASP C 67 -28.63 23.55 -14.44
CA ASP C 67 -28.68 22.67 -13.28
C ASP C 67 -29.08 23.47 -12.06
N PHE C 68 -30.37 23.43 -11.72
CA PHE C 68 -30.90 24.16 -10.57
C PHE C 68 -31.19 23.28 -9.37
N THR C 69 -30.90 21.97 -9.44
CA THR C 69 -31.10 21.10 -8.29
C THR C 69 -29.81 20.82 -7.53
N ARG C 70 -28.70 20.68 -8.23
CA ARG C 70 -27.41 20.46 -7.58
C ARG C 70 -26.44 21.62 -7.74
N HIS C 71 -26.63 22.48 -8.74
CA HIS C 71 -25.78 23.64 -8.98
C HIS C 71 -24.32 23.24 -9.19
N ASN C 72 -24.07 22.08 -9.79
CA ASN C 72 -22.69 21.67 -10.05
C ASN C 72 -22.49 21.05 -11.44
N GLY C 73 -23.51 21.03 -12.30
CA GLY C 73 -23.40 20.49 -13.63
C GLY C 73 -23.85 19.04 -13.81
N THR C 74 -24.27 18.37 -12.73
CA THR C 74 -24.71 16.98 -12.81
C THR C 74 -26.22 16.83 -12.66
N GLY C 75 -26.92 17.89 -12.29
CA GLY C 75 -28.31 17.75 -11.89
C GLY C 75 -29.29 18.40 -12.83
N GLY C 76 -30.42 18.83 -12.29
CA GLY C 76 -31.49 19.30 -13.13
C GLY C 76 -32.62 18.28 -13.22
N LYS C 77 -33.82 18.78 -13.47
CA LYS C 77 -34.97 17.89 -13.62
C LYS C 77 -36.01 18.62 -14.45
N SER C 78 -36.88 17.85 -15.09
CA SER C 78 -37.89 18.42 -15.97
C SER C 78 -39.21 18.57 -15.22
N ILE C 79 -40.16 19.21 -15.90
CA ILE C 79 -41.50 19.34 -15.33
C ILE C 79 -42.30 18.05 -15.46
N TYR C 80 -41.76 17.06 -16.17
CA TYR C 80 -42.40 15.77 -16.37
C TYR C 80 -41.79 14.68 -15.51
N GLY C 81 -41.06 15.05 -14.48
CA GLY C 81 -40.28 14.08 -13.72
C GLY C 81 -38.80 14.26 -13.95
N GLU C 82 -38.03 13.26 -13.52
CA GLU C 82 -36.58 13.40 -13.50
C GLU C 82 -35.99 13.45 -14.90
N LYS C 83 -36.50 12.63 -15.84
CA LYS C 83 -36.01 12.62 -17.21
C LYS C 83 -37.18 12.44 -18.16
N PHE C 84 -37.01 12.88 -19.41
CA PHE C 84 -38.00 12.59 -20.43
C PHE C 84 -37.33 12.30 -21.77
N GLU C 85 -38.10 11.67 -22.66
CA GLU C 85 -37.56 11.13 -23.89
C GLU C 85 -37.18 12.24 -24.87
N ASP C 86 -36.27 11.90 -25.79
CA ASP C 86 -35.98 12.78 -26.90
C ASP C 86 -37.21 12.89 -27.79
N GLU C 87 -37.77 14.10 -27.89
CA GLU C 87 -39.00 14.30 -28.64
C GLU C 87 -38.80 14.03 -30.12
N ASN C 88 -37.79 14.64 -30.71
CA ASN C 88 -37.36 14.38 -32.09
C ASN C 88 -36.07 15.16 -32.31
N PHE C 89 -35.47 14.94 -33.49
CA PHE C 89 -34.26 15.63 -33.90
C PHE C 89 -34.48 16.35 -35.23
N ILE C 90 -35.67 16.94 -35.38
CA ILE C 90 -36.02 17.61 -36.63
C ILE C 90 -35.10 18.80 -36.88
N LEU C 91 -34.90 19.61 -35.85
CA LEU C 91 -34.08 20.80 -35.98
C LEU C 91 -32.63 20.49 -35.62
N LYS C 92 -31.73 21.29 -36.19
CA LYS C 92 -30.30 21.00 -36.16
C LYS C 92 -29.53 22.19 -35.57
N HIS C 93 -28.27 21.90 -35.21
CA HIS C 93 -27.39 22.89 -34.58
C HIS C 93 -26.66 23.66 -35.70
N THR C 94 -27.43 24.54 -36.35
CA THR C 94 -26.99 25.10 -37.61
C THR C 94 -26.08 26.30 -37.46
N GLY C 95 -26.02 26.93 -36.28
CA GLY C 95 -25.22 28.12 -36.13
C GLY C 95 -25.43 28.82 -34.79
N PRO C 96 -24.81 30.00 -34.65
CA PRO C 96 -24.91 30.71 -33.36
C PRO C 96 -26.36 30.98 -33.02
N GLY C 97 -26.69 30.82 -31.75
CA GLY C 97 -28.02 31.11 -31.25
C GLY C 97 -28.94 29.91 -31.07
N ILE C 98 -28.55 28.74 -31.56
CA ILE C 98 -29.40 27.57 -31.41
C ILE C 98 -29.47 27.17 -29.95
N LEU C 99 -30.67 26.90 -29.46
CA LEU C 99 -30.92 26.45 -28.10
C LEU C 99 -31.30 24.97 -28.11
N SER C 100 -30.60 24.16 -27.32
CA SER C 100 -30.75 22.70 -27.43
C SER C 100 -30.62 22.08 -26.04
N MET C 101 -31.11 20.85 -25.91
CA MET C 101 -31.08 20.14 -24.64
C MET C 101 -29.75 19.42 -24.42
N ALA C 102 -29.15 19.61 -23.26
CA ALA C 102 -28.06 18.74 -22.82
C ALA C 102 -28.61 17.40 -22.36
N ASN C 103 -27.75 16.38 -22.35
CA ASN C 103 -28.22 15.07 -21.89
C ASN C 103 -27.03 14.19 -21.56
N ALA C 104 -27.36 13.03 -20.96
CA ALA C 104 -26.39 12.00 -20.63
C ALA C 104 -26.60 10.75 -21.48
N GLY C 105 -27.04 10.92 -22.72
CA GLY C 105 -27.37 9.81 -23.58
C GLY C 105 -28.82 9.88 -24.02
N PRO C 106 -29.24 8.91 -24.85
CA PRO C 106 -30.62 8.92 -25.35
C PRO C 106 -31.68 8.95 -24.24
N ASN C 107 -32.69 9.80 -24.44
CA ASN C 107 -33.86 9.89 -23.56
C ASN C 107 -33.50 10.22 -22.11
N THR C 108 -32.60 11.20 -21.92
CA THR C 108 -32.25 11.65 -20.56
C THR C 108 -32.37 13.18 -20.43
N ASN C 109 -33.29 13.79 -21.17
CA ASN C 109 -33.51 15.22 -21.04
C ASN C 109 -34.03 15.55 -19.66
N GLY C 110 -33.48 16.60 -19.06
CA GLY C 110 -33.91 17.07 -17.74
C GLY C 110 -34.20 18.55 -17.77
N SER C 111 -33.29 19.36 -17.27
CA SER C 111 -33.38 20.81 -17.43
C SER C 111 -32.16 21.45 -18.03
N GLN C 112 -31.01 20.77 -18.05
CA GLN C 112 -29.80 21.40 -18.60
C GLN C 112 -29.95 21.61 -20.09
N PHE C 113 -29.39 22.71 -20.56
CA PHE C 113 -29.57 23.17 -21.93
C PHE C 113 -28.26 23.82 -22.38
N PHE C 114 -28.15 24.11 -23.66
CA PHE C 114 -26.97 24.84 -24.10
C PHE C 114 -27.36 25.75 -25.27
N ILE C 115 -26.60 26.83 -25.40
CA ILE C 115 -26.76 27.80 -26.49
C ILE C 115 -25.52 27.70 -27.37
N CYS C 116 -25.71 27.33 -28.63
CA CYS C 116 -24.61 27.30 -29.58
C CYS C 116 -24.11 28.71 -29.87
N THR C 117 -22.78 28.87 -29.92
CA THR C 117 -22.16 30.10 -30.44
C THR C 117 -21.54 29.86 -31.80
N ALA C 118 -21.74 28.67 -32.36
CA ALA C 118 -21.21 28.29 -33.67
C ALA C 118 -21.97 27.06 -34.13
N LYS C 119 -21.84 26.75 -35.41
CA LYS C 119 -22.44 25.53 -35.93
C LYS C 119 -21.75 24.33 -35.27
N THR C 120 -22.54 23.37 -34.76
CA THR C 120 -22.00 22.18 -34.08
C THR C 120 -22.70 20.94 -34.64
N GLU C 121 -22.42 20.61 -35.90
CA GLU C 121 -23.25 19.63 -36.60
C GLU C 121 -23.12 18.22 -36.05
N TRP C 122 -22.02 17.90 -35.35
CA TRP C 122 -21.82 16.57 -34.76
C TRP C 122 -22.75 16.32 -33.57
N LEU C 123 -23.47 17.34 -33.10
CA LEU C 123 -24.50 17.13 -32.09
C LEU C 123 -25.87 16.83 -32.72
N ASP C 124 -26.00 16.96 -34.03
CA ASP C 124 -27.28 16.72 -34.68
C ASP C 124 -27.67 15.25 -34.54
N GLY C 125 -28.93 14.99 -34.20
CA GLY C 125 -29.39 13.64 -33.99
C GLY C 125 -29.08 13.09 -32.62
N LYS C 126 -28.35 13.84 -31.80
CA LYS C 126 -28.05 13.47 -30.43
C LYS C 126 -28.63 14.40 -29.38
N HIS C 127 -28.84 15.68 -29.69
CA HIS C 127 -29.44 16.63 -28.76
C HIS C 127 -30.64 17.30 -29.42
N VAL C 128 -31.71 17.45 -28.64
CA VAL C 128 -32.99 17.96 -29.15
C VAL C 128 -32.91 19.48 -29.22
N VAL C 129 -32.89 20.02 -30.42
CA VAL C 129 -32.94 21.46 -30.65
C VAL C 129 -34.38 21.93 -30.48
N PHE C 130 -34.59 22.96 -29.66
CA PHE C 130 -35.96 23.39 -29.37
C PHE C 130 -36.17 24.91 -29.35
N GLY C 131 -35.17 25.70 -29.71
CA GLY C 131 -35.39 27.14 -29.68
C GLY C 131 -34.23 27.86 -30.33
N LYS C 132 -34.29 29.18 -30.28
CA LYS C 132 -33.20 29.99 -30.78
C LYS C 132 -33.21 31.33 -30.06
N VAL C 133 -32.03 31.94 -29.98
CA VAL C 133 -31.93 33.30 -29.43
C VAL C 133 -32.68 34.24 -30.35
N LYS C 134 -33.54 35.06 -29.77
CA LYS C 134 -34.27 36.09 -30.49
C LYS C 134 -33.56 37.44 -30.35
N GLU C 135 -33.39 37.93 -29.13
CA GLU C 135 -32.63 39.14 -28.88
C GLU C 135 -31.49 38.85 -27.91
N GLY C 136 -30.43 39.63 -28.03
CA GLY C 136 -29.31 39.55 -27.12
C GLY C 136 -28.28 38.50 -27.44
N MET C 137 -28.12 38.12 -28.71
CA MET C 137 -27.00 37.26 -29.07
C MET C 137 -25.68 37.89 -28.67
N ASN C 138 -25.55 39.22 -28.67
CA ASN C 138 -24.25 39.76 -28.27
C ASN C 138 -24.00 39.56 -26.79
N ILE C 139 -25.05 39.30 -26.00
CA ILE C 139 -24.86 39.00 -24.58
C ILE C 139 -24.31 37.58 -24.41
N VAL C 140 -24.81 36.64 -25.21
CA VAL C 140 -24.24 35.29 -25.22
C VAL C 140 -22.78 35.35 -25.65
N GLU C 141 -22.47 36.16 -26.67
CA GLU C 141 -21.08 36.36 -27.07
C GLU C 141 -20.25 36.90 -25.90
N ALA C 142 -20.79 37.86 -25.15
CA ALA C 142 -20.04 38.40 -24.01
C ALA C 142 -19.78 37.33 -22.95
N MET C 143 -20.70 36.38 -22.76
CA MET C 143 -20.46 35.31 -21.81
C MET C 143 -19.20 34.52 -22.17
N GLU C 144 -18.84 34.46 -23.46
CA GLU C 144 -17.62 33.75 -23.85
C GLU C 144 -16.37 34.41 -23.30
N ARG C 145 -16.46 35.66 -22.84
CA ARG C 145 -15.31 36.31 -22.20
C ARG C 145 -14.84 35.54 -20.98
N PHE C 146 -15.74 34.79 -20.35
CA PHE C 146 -15.45 34.17 -19.06
C PHE C 146 -15.34 32.66 -19.14
N GLY C 147 -15.19 32.12 -20.35
CA GLY C 147 -15.07 30.68 -20.56
C GLY C 147 -13.62 30.24 -20.71
N SER C 148 -13.46 28.99 -21.14
CA SER C 148 -12.13 28.42 -21.29
C SER C 148 -12.22 27.17 -22.15
N ARG C 149 -11.05 26.61 -22.48
CA ARG C 149 -11.01 25.45 -23.38
C ARG C 149 -11.82 24.27 -22.84
N ASN C 150 -11.76 23.99 -21.54
CA ASN C 150 -12.52 22.87 -21.01
C ASN C 150 -13.85 23.28 -20.36
N GLY C 151 -14.21 24.57 -20.44
CA GLY C 151 -15.52 25.05 -20.05
C GLY C 151 -15.60 25.67 -18.67
N LYS C 152 -14.61 25.42 -17.83
CA LYS C 152 -14.59 26.04 -16.51
C LYS C 152 -14.65 27.57 -16.66
N THR C 153 -15.55 28.20 -15.91
CA THR C 153 -15.74 29.64 -16.05
C THR C 153 -14.89 30.40 -15.03
N SER C 154 -14.48 31.61 -15.41
CA SER C 154 -13.57 32.41 -14.58
C SER C 154 -14.30 33.40 -13.69
N LYS C 155 -15.60 33.62 -13.94
CA LYS C 155 -16.49 34.35 -13.05
C LYS C 155 -17.81 33.60 -13.00
N LYS C 156 -18.60 33.88 -11.96
CA LYS C 156 -19.85 33.17 -11.76
C LYS C 156 -20.93 33.80 -12.64
N ILE C 157 -21.42 33.04 -13.63
CA ILE C 157 -22.41 33.52 -14.60
C ILE C 157 -23.76 32.97 -14.20
N THR C 158 -24.71 33.84 -13.84
CA THR C 158 -25.98 33.36 -13.31
C THR C 158 -27.16 33.91 -14.09
N ILE C 159 -28.28 33.19 -13.97
CA ILE C 159 -29.56 33.67 -14.48
C ILE C 159 -30.23 34.38 -13.30
N ALA C 160 -30.03 35.70 -13.24
CA ALA C 160 -30.52 36.46 -12.10
C ALA C 160 -32.04 36.56 -12.12
N ASP C 161 -32.65 36.52 -13.30
CA ASP C 161 -34.11 36.53 -13.42
C ASP C 161 -34.45 35.90 -14.76
N CYS C 162 -35.67 35.37 -14.85
CA CYS C 162 -36.14 34.81 -16.09
C CYS C 162 -37.66 34.77 -16.06
N GLY C 163 -38.25 34.64 -17.24
CA GLY C 163 -39.69 34.57 -17.33
C GLY C 163 -40.14 34.55 -18.77
N GLN C 164 -41.44 34.74 -18.97
CA GLN C 164 -42.02 34.71 -20.30
C GLN C 164 -42.52 36.10 -20.69
N LEU C 165 -42.22 36.50 -21.92
CA LEU C 165 -42.66 37.77 -22.49
C LEU C 165 -43.99 37.64 -23.23
N ASN D 4 4.93 -23.05 49.76
CA ASN D 4 5.84 -22.50 48.76
C ASN D 4 7.26 -22.32 49.29
N PRO D 5 8.22 -22.98 48.66
CA PRO D 5 9.62 -22.86 49.10
C PRO D 5 10.25 -21.52 48.70
N THR D 6 11.37 -21.20 49.36
CA THR D 6 12.17 -20.01 49.10
C THR D 6 13.59 -20.42 48.77
N VAL D 7 14.14 -19.89 47.68
CA VAL D 7 15.53 -20.16 47.32
C VAL D 7 16.27 -18.83 47.23
N PHE D 8 17.59 -18.90 47.17
CA PHE D 8 18.38 -17.68 47.08
C PHE D 8 19.47 -17.84 46.05
N PHE D 9 19.85 -16.70 45.43
CA PHE D 9 21.05 -16.58 44.61
C PHE D 9 21.94 -15.54 45.26
N ASP D 10 23.23 -15.83 45.42
CA ASP D 10 24.20 -14.79 45.74
C ASP D 10 24.86 -14.38 44.42
N ILE D 11 24.64 -13.13 44.01
CA ILE D 11 25.06 -12.63 42.71
C ILE D 11 26.44 -12.00 42.85
N ALA D 12 27.30 -12.24 41.86
CA ALA D 12 28.60 -11.59 41.78
C ALA D 12 28.76 -10.95 40.40
N VAL D 13 29.57 -9.88 40.36
CA VAL D 13 29.88 -9.12 39.17
C VAL D 13 31.39 -9.19 39.01
N ASP D 14 31.87 -9.91 37.99
CA ASP D 14 33.30 -10.17 37.81
C ASP D 14 33.94 -10.74 39.08
N GLY D 15 33.20 -11.60 39.78
CA GLY D 15 33.69 -12.21 41.01
C GLY D 15 33.48 -11.37 42.26
N GLU D 16 33.05 -10.10 42.15
CA GLU D 16 32.82 -9.31 43.37
C GLU D 16 31.37 -9.46 43.82
N PRO D 17 31.09 -9.70 45.09
CA PRO D 17 29.70 -9.81 45.54
C PRO D 17 28.87 -8.57 45.20
N LEU D 18 27.65 -8.83 44.73
CA LEU D 18 26.64 -7.78 44.55
C LEU D 18 25.51 -7.88 45.54
N GLY D 19 25.19 -9.09 46.01
CA GLY D 19 24.22 -9.24 47.06
C GLY D 19 23.32 -10.43 46.80
N ARG D 20 22.37 -10.68 47.70
CA ARG D 20 21.58 -11.90 47.66
C ARG D 20 20.18 -11.56 47.19
N VAL D 21 19.68 -12.33 46.23
CA VAL D 21 18.30 -12.24 45.77
C VAL D 21 17.59 -13.49 46.25
N SER D 22 16.39 -13.33 46.78
CA SER D 22 15.62 -14.49 47.20
C SER D 22 14.31 -14.54 46.42
N PHE D 23 13.81 -15.75 46.20
CA PHE D 23 12.65 -15.99 45.37
C PHE D 23 11.65 -16.87 46.10
N GLU D 24 10.38 -16.49 46.02
CA GLU D 24 9.31 -17.42 46.35
C GLU D 24 8.99 -18.26 45.12
N LEU D 25 8.85 -19.58 45.31
CA LEU D 25 8.54 -20.50 44.22
C LEU D 25 7.11 -20.97 44.37
N PHE D 26 6.29 -20.74 43.33
CA PHE D 26 4.84 -20.93 43.43
C PHE D 26 4.48 -22.42 43.28
N ALA D 27 4.88 -23.20 44.28
CA ALA D 27 4.62 -24.63 44.21
C ALA D 27 3.12 -24.96 44.31
N ASP D 28 2.33 -24.04 44.87
CA ASP D 28 0.89 -24.27 44.95
C ASP D 28 0.22 -24.24 43.59
N LYS D 29 0.78 -23.49 42.63
CA LYS D 29 0.20 -23.37 41.30
C LYS D 29 0.95 -24.16 40.22
N VAL D 30 2.28 -24.27 40.32
CA VAL D 30 3.10 -24.95 39.32
C VAL D 30 4.10 -25.84 40.05
N PRO D 31 3.64 -26.91 40.70
CA PRO D 31 4.55 -27.70 41.54
C PRO D 31 5.72 -28.33 40.79
N LYS D 32 5.52 -28.80 39.57
CA LYS D 32 6.60 -29.46 38.84
C LYS D 32 7.69 -28.45 38.45
N THR D 33 7.25 -27.30 37.95
CA THR D 33 8.17 -26.24 37.52
C THR D 33 8.91 -25.65 38.71
N ALA D 34 8.20 -25.43 39.82
CA ALA D 34 8.85 -24.93 41.04
C ALA D 34 9.88 -25.92 41.57
N GLU D 35 9.57 -27.21 41.53
CA GLU D 35 10.50 -28.21 42.06
C GLU D 35 11.76 -28.29 41.21
N ASN D 36 11.62 -28.17 39.88
CA ASN D 36 12.80 -28.10 39.03
C ASN D 36 13.74 -26.98 39.48
N PHE D 37 13.21 -25.77 39.64
CA PHE D 37 14.06 -24.64 39.99
C PHE D 37 14.63 -24.80 41.40
N ARG D 38 13.82 -25.32 42.32
CA ARG D 38 14.30 -25.55 43.68
C ARG D 38 15.48 -26.51 43.68
N ALA D 39 15.33 -27.65 42.99
CA ALA D 39 16.40 -28.65 42.99
C ALA D 39 17.64 -28.15 42.26
N LEU D 40 17.46 -27.37 41.19
CA LEU D 40 18.62 -26.83 40.50
C LEU D 40 19.34 -25.78 41.36
N SER D 41 18.60 -25.13 42.26
CA SER D 41 19.21 -24.15 43.16
C SER D 41 20.04 -24.81 44.25
N THR D 42 19.58 -25.95 44.79
CA THR D 42 20.38 -26.67 45.78
C THR D 42 21.51 -27.48 45.16
N GLY D 43 21.37 -27.86 43.89
CA GLY D 43 22.36 -28.71 43.26
C GLY D 43 22.24 -30.18 43.61
N GLU D 44 21.15 -30.56 44.28
CA GLU D 44 21.07 -31.88 44.90
C GLU D 44 21.02 -33.03 43.89
N LYS D 45 20.71 -32.76 42.62
CA LYS D 45 20.78 -33.81 41.62
C LYS D 45 22.17 -34.00 41.03
N GLY D 46 23.16 -33.23 41.50
CA GLY D 46 24.51 -33.31 40.98
C GLY D 46 24.86 -32.28 39.94
N PHE D 47 23.95 -31.35 39.66
CA PHE D 47 24.13 -30.26 38.70
C PHE D 47 23.16 -29.16 39.09
N GLY D 48 23.43 -27.95 38.60
CA GLY D 48 22.52 -26.87 38.92
C GLY D 48 23.13 -25.52 38.60
N TYR D 49 22.52 -24.48 39.19
CA TYR D 49 22.78 -23.09 38.85
C TYR D 49 24.10 -22.55 39.40
N LYS D 50 24.67 -23.17 40.44
CA LYS D 50 25.85 -22.58 41.07
C LYS D 50 26.99 -22.46 40.09
N GLY D 51 27.53 -21.25 39.95
CA GLY D 51 28.61 -20.99 39.03
C GLY D 51 28.18 -20.49 37.66
N SER D 52 26.92 -20.62 37.31
CA SER D 52 26.45 -20.21 35.99
C SER D 52 26.23 -18.70 35.94
N CYS D 53 26.04 -18.18 34.73
CA CYS D 53 25.97 -16.74 34.56
C CYS D 53 24.58 -16.32 34.05
N PHE D 54 24.34 -15.02 34.14
CA PHE D 54 23.23 -14.39 33.45
C PHE D 54 23.75 -13.94 32.10
N HIS D 55 23.39 -14.66 31.05
CA HIS D 55 23.98 -14.40 29.74
C HIS D 55 23.24 -13.32 28.94
N ARG D 56 22.02 -12.95 29.33
CA ARG D 56 21.24 -12.00 28.54
C ARG D 56 20.54 -11.05 29.49
N ILE D 57 20.92 -9.77 29.44
CA ILE D 57 20.33 -8.76 30.30
C ILE D 57 19.95 -7.57 29.42
N ILE D 58 18.66 -7.27 29.35
CA ILE D 58 18.20 -6.17 28.51
C ILE D 58 17.52 -5.15 29.38
N PRO D 59 18.15 -3.99 29.61
CA PRO D 59 17.56 -2.99 30.52
C PRO D 59 16.19 -2.57 30.04
N GLY D 60 15.27 -2.47 30.97
CA GLY D 60 13.89 -2.20 30.65
C GLY D 60 13.03 -3.45 30.54
N PHE D 61 13.62 -4.63 30.46
CA PHE D 61 12.81 -5.82 30.25
C PHE D 61 13.11 -6.96 31.25
N MET D 62 14.31 -7.54 31.21
CA MET D 62 14.49 -8.74 32.02
C MET D 62 15.97 -9.10 32.11
N CYS D 63 16.30 -9.93 33.11
CA CYS D 63 17.58 -10.61 33.26
C CYS D 63 17.37 -12.12 33.05
N GLN D 64 18.14 -12.73 32.16
CA GLN D 64 17.98 -14.14 31.82
C GLN D 64 19.26 -14.92 32.08
N GLY D 65 19.13 -16.10 32.68
CA GLY D 65 20.26 -16.95 32.96
C GLY D 65 19.87 -18.41 33.02
N GLY D 66 20.71 -19.21 33.68
CA GLY D 66 20.37 -20.59 33.94
C GLY D 66 20.96 -21.62 33.01
N ASP D 67 21.79 -21.20 32.03
CA ASP D 67 22.43 -22.17 31.13
C ASP D 67 23.71 -22.67 31.80
N PHE D 68 23.59 -23.74 32.59
CA PHE D 68 24.74 -24.28 33.30
C PHE D 68 25.41 -25.44 32.57
N THR D 69 24.92 -25.84 31.39
CA THR D 69 25.58 -26.90 30.66
C THR D 69 26.49 -26.39 29.56
N ARG D 70 26.13 -25.27 28.92
CA ARG D 70 26.95 -24.70 27.85
C ARG D 70 27.44 -23.30 28.12
N HIS D 71 26.86 -22.59 29.09
CA HIS D 71 27.34 -21.27 29.49
C HIS D 71 27.38 -20.30 28.32
N ASN D 72 26.45 -20.47 27.36
CA ASN D 72 26.39 -19.54 26.24
C ASN D 72 24.97 -19.14 25.84
N GLY D 73 23.95 -19.56 26.59
CA GLY D 73 22.59 -19.25 26.22
C GLY D 73 21.88 -20.32 25.40
N THR D 74 22.57 -21.38 24.99
CA THR D 74 21.93 -22.43 24.20
C THR D 74 21.68 -23.72 24.98
N GLY D 75 22.18 -23.83 26.21
CA GLY D 75 22.10 -25.08 26.93
C GLY D 75 21.19 -25.06 28.14
N GLY D 76 21.50 -25.90 29.11
CA GLY D 76 20.63 -26.11 30.24
C GLY D 76 19.82 -27.39 30.11
N LYS D 77 19.38 -27.89 31.26
CA LYS D 77 18.55 -29.10 31.31
C LYS D 77 17.78 -29.07 32.62
N SER D 78 16.63 -29.72 32.62
CA SER D 78 15.82 -29.84 33.82
C SER D 78 16.18 -31.11 34.58
N ILE D 79 15.61 -31.23 35.78
CA ILE D 79 15.76 -32.46 36.55
C ILE D 79 14.95 -33.61 35.97
N TYR D 80 14.05 -33.33 35.02
CA TYR D 80 13.21 -34.34 34.38
C TYR D 80 13.76 -34.80 33.03
N GLY D 81 14.87 -34.23 32.60
CA GLY D 81 15.42 -34.41 31.27
C GLY D 81 15.78 -33.07 30.67
N GLU D 82 16.33 -33.13 29.46
CA GLU D 82 16.72 -31.91 28.75
C GLU D 82 15.57 -30.92 28.64
N LYS D 83 14.37 -31.41 28.31
CA LYS D 83 13.17 -30.59 28.15
C LYS D 83 12.02 -31.17 28.95
N PHE D 84 11.09 -30.31 29.37
CA PHE D 84 9.83 -30.77 29.91
C PHE D 84 8.70 -29.82 29.51
N GLU D 85 7.48 -30.30 29.68
CA GLU D 85 6.30 -29.65 29.10
C GLU D 85 5.92 -28.38 29.87
N ASP D 86 5.20 -27.49 29.19
CA ASP D 86 4.62 -26.33 29.87
C ASP D 86 3.56 -26.80 30.85
N GLU D 87 3.76 -26.51 32.13
CA GLU D 87 2.87 -27.05 33.16
C GLU D 87 1.50 -26.38 33.14
N ASN D 88 1.48 -25.05 33.20
CA ASN D 88 0.28 -24.25 32.97
C ASN D 88 0.71 -22.80 32.85
N PHE D 89 -0.21 -21.96 32.37
CA PHE D 89 -0.01 -20.53 32.20
C PHE D 89 -0.99 -19.75 33.08
N ILE D 90 -1.24 -20.29 34.27
CA ILE D 90 -2.18 -19.64 35.18
C ILE D 90 -1.67 -18.25 35.54
N LEU D 91 -0.39 -18.13 35.88
CA LEU D 91 0.17 -16.88 36.39
C LEU D 91 0.68 -16.01 35.25
N LYS D 92 0.64 -14.69 35.46
CA LYS D 92 0.94 -13.73 34.41
C LYS D 92 2.21 -12.94 34.74
N HIS D 93 2.77 -12.32 33.70
CA HIS D 93 3.98 -11.52 33.85
C HIS D 93 3.53 -10.10 34.22
N THR D 94 3.23 -9.93 35.51
CA THR D 94 2.47 -8.77 35.98
C THR D 94 3.33 -7.54 36.26
N GLY D 95 4.65 -7.71 36.40
CA GLY D 95 5.50 -6.60 36.73
C GLY D 95 6.90 -7.05 37.10
N PRO D 96 7.70 -6.12 37.62
CA PRO D 96 9.08 -6.44 38.00
C PRO D 96 9.11 -7.53 39.06
N GLY D 97 10.07 -8.44 38.94
CA GLY D 97 10.28 -9.46 39.94
C GLY D 97 9.70 -10.81 39.59
N ILE D 98 8.85 -10.88 38.55
CA ILE D 98 8.31 -12.15 38.09
C ILE D 98 9.45 -13.06 37.62
N LEU D 99 9.39 -14.33 38.04
CA LEU D 99 10.35 -15.37 37.66
C LEU D 99 9.62 -16.35 36.76
N SER D 100 10.16 -16.57 35.55
CA SER D 100 9.44 -17.29 34.50
C SER D 100 10.44 -18.09 33.68
N MET D 101 9.96 -19.16 33.03
CA MET D 101 10.83 -20.06 32.28
C MET D 101 11.09 -19.53 30.88
N ALA D 102 12.35 -19.52 30.48
CA ALA D 102 12.70 -19.31 29.09
C ALA D 102 12.42 -20.58 28.29
N ASN D 103 12.23 -20.44 26.99
CA ASN D 103 11.99 -21.66 26.23
C ASN D 103 12.28 -21.42 24.76
N ALA D 104 12.27 -22.53 24.01
CA ALA D 104 12.48 -22.58 22.58
C ALA D 104 11.20 -22.92 21.83
N GLY D 105 10.06 -22.48 22.35
CA GLY D 105 8.76 -22.85 21.82
C GLY D 105 8.00 -23.74 22.80
N PRO D 106 6.80 -24.17 22.42
CA PRO D 106 5.98 -24.99 23.33
C PRO D 106 6.71 -26.22 23.86
N ASN D 107 6.52 -26.46 25.16
CA ASN D 107 7.00 -27.68 25.82
C ASN D 107 8.49 -27.89 25.63
N THR D 108 9.27 -26.83 25.82
CA THR D 108 10.73 -26.93 25.74
C THR D 108 11.40 -26.30 26.96
N ASN D 109 10.78 -26.42 28.14
CA ASN D 109 11.40 -25.88 29.35
C ASN D 109 12.62 -26.69 29.74
N GLY D 110 13.67 -26.00 30.19
CA GLY D 110 14.84 -26.71 30.66
C GLY D 110 15.27 -26.20 32.01
N SER D 111 16.34 -25.38 32.02
CA SER D 111 16.78 -24.68 33.21
C SER D 111 16.86 -23.17 33.03
N GLN D 112 16.84 -22.67 31.80
CA GLN D 112 16.93 -21.22 31.62
C GLN D 112 15.65 -20.54 32.09
N PHE D 113 15.83 -19.40 32.72
CA PHE D 113 14.76 -18.65 33.36
C PHE D 113 15.05 -17.18 33.12
N PHE D 114 14.05 -16.34 33.39
CA PHE D 114 14.28 -14.90 33.38
C PHE D 114 13.52 -14.23 34.51
N ILE D 115 14.08 -13.10 34.97
CA ILE D 115 13.49 -12.26 36.00
C ILE D 115 13.07 -10.96 35.32
N CYS D 116 11.78 -10.63 35.39
CA CYS D 116 11.30 -9.42 34.75
C CYS D 116 11.73 -8.19 35.53
N THR D 117 12.00 -7.10 34.82
CA THR D 117 12.20 -5.79 35.44
C THR D 117 11.15 -4.80 34.97
N ALA D 118 10.09 -5.31 34.36
CA ALA D 118 8.94 -4.54 33.90
C ALA D 118 7.82 -5.54 33.63
N LYS D 119 6.62 -5.01 33.44
CA LYS D 119 5.53 -5.85 32.99
C LYS D 119 5.77 -6.26 31.55
N THR D 120 5.63 -7.56 31.27
CA THR D 120 5.90 -8.11 29.94
C THR D 120 4.68 -8.95 29.53
N GLU D 121 3.56 -8.26 29.29
CA GLU D 121 2.27 -8.93 29.17
C GLU D 121 2.20 -9.82 27.94
N TRP D 122 2.90 -9.48 26.87
CA TRP D 122 2.83 -10.29 25.65
C TRP D 122 3.51 -11.66 25.82
N LEU D 123 4.24 -11.88 26.90
CA LEU D 123 4.74 -13.22 27.18
C LEU D 123 3.70 -14.12 27.86
N ASP D 124 2.57 -13.56 28.29
CA ASP D 124 1.56 -14.39 28.96
C ASP D 124 1.07 -15.49 28.01
N GLY D 125 0.94 -16.70 28.55
CA GLY D 125 0.50 -17.82 27.74
C GLY D 125 1.58 -18.46 26.91
N LYS D 126 2.79 -17.92 26.92
CA LYS D 126 3.90 -18.48 26.18
C LYS D 126 5.06 -18.90 27.05
N HIS D 127 5.23 -18.31 28.24
CA HIS D 127 6.26 -18.68 29.20
C HIS D 127 5.58 -18.97 30.52
N VAL D 128 6.03 -20.02 31.21
CA VAL D 128 5.44 -20.45 32.48
C VAL D 128 6.03 -19.62 33.62
N VAL D 129 5.19 -18.80 34.25
CA VAL D 129 5.53 -18.05 35.45
C VAL D 129 5.44 -18.99 36.65
N PHE D 130 6.51 -19.03 37.46
CA PHE D 130 6.54 -19.97 38.57
C PHE D 130 7.10 -19.39 39.86
N GLY D 131 7.41 -18.09 39.90
CA GLY D 131 7.98 -17.55 41.12
C GLY D 131 8.08 -16.04 41.06
N LYS D 132 8.61 -15.47 42.12
CA LYS D 132 8.74 -14.01 42.19
C LYS D 132 9.87 -13.66 43.15
N VAL D 133 10.55 -12.55 42.88
CA VAL D 133 11.55 -12.06 43.80
C VAL D 133 10.89 -11.70 45.11
N LYS D 134 11.48 -12.17 46.20
CA LYS D 134 10.99 -11.91 47.55
C LYS D 134 11.81 -10.79 48.18
N GLU D 135 13.12 -10.98 48.29
CA GLU D 135 14.00 -9.90 48.71
C GLU D 135 15.07 -9.67 47.65
N GLY D 136 15.54 -8.43 47.58
CA GLY D 136 16.65 -8.09 46.71
C GLY D 136 16.27 -7.67 45.30
N MET D 137 15.05 -7.17 45.10
CA MET D 137 14.71 -6.66 43.77
C MET D 137 15.66 -5.55 43.32
N ASN D 138 16.19 -4.75 44.27
CA ASN D 138 17.12 -3.72 43.80
C ASN D 138 18.44 -4.32 43.31
N ILE D 139 18.79 -5.54 43.74
CA ILE D 139 19.95 -6.22 43.16
CA ILE D 139 19.94 -6.26 43.16
C ILE D 139 19.68 -6.60 41.71
N VAL D 140 18.47 -7.07 41.41
CA VAL D 140 18.15 -7.38 40.03
C VAL D 140 18.16 -6.11 39.20
N GLU D 141 17.60 -5.01 39.73
CA GLU D 141 17.69 -3.75 39.02
C GLU D 141 19.15 -3.37 38.78
N ALA D 142 20.03 -3.66 39.73
CA ALA D 142 21.43 -3.31 39.58
C ALA D 142 22.12 -4.16 38.51
N MET D 143 21.62 -5.38 38.27
CA MET D 143 22.20 -6.18 37.21
C MET D 143 21.93 -5.56 35.84
N GLU D 144 20.84 -4.81 35.70
CA GLU D 144 20.58 -4.11 34.44
C GLU D 144 21.71 -3.15 34.05
N ARG D 145 22.53 -2.71 35.01
CA ARG D 145 23.61 -1.80 34.67
C ARG D 145 24.63 -2.45 33.76
N PHE D 146 24.64 -3.77 33.66
CA PHE D 146 25.63 -4.48 32.87
C PHE D 146 25.05 -5.11 31.63
N GLY D 147 23.81 -4.77 31.29
CA GLY D 147 23.17 -5.27 30.09
C GLY D 147 23.29 -4.30 28.93
N SER D 148 22.56 -4.62 27.87
CA SER D 148 22.62 -3.87 26.62
C SER D 148 21.37 -4.17 25.82
N ARG D 149 21.29 -3.52 24.65
CA ARG D 149 20.10 -3.59 23.81
C ARG D 149 19.83 -5.01 23.30
N ASN D 150 20.88 -5.76 22.94
CA ASN D 150 20.67 -7.13 22.49
C ASN D 150 20.96 -8.14 23.60
N GLY D 151 21.23 -7.68 24.81
CA GLY D 151 21.36 -8.57 25.94
C GLY D 151 22.79 -8.92 26.31
N LYS D 152 23.75 -8.70 25.42
CA LYS D 152 25.13 -9.02 25.74
C LYS D 152 25.56 -8.22 26.96
N THR D 153 26.24 -8.87 27.90
CA THR D 153 26.60 -8.21 29.15
C THR D 153 28.02 -7.65 29.06
N SER D 154 28.25 -6.58 29.82
CA SER D 154 29.54 -5.89 29.79
C SER D 154 30.48 -6.37 30.88
N LYS D 155 29.96 -7.11 31.86
CA LYS D 155 30.73 -7.78 32.89
C LYS D 155 30.13 -9.16 33.09
N LYS D 156 30.88 -10.05 33.73
CA LYS D 156 30.40 -11.41 33.94
C LYS D 156 29.53 -11.45 35.19
N ILE D 157 28.23 -11.70 35.02
CA ILE D 157 27.28 -11.70 36.13
C ILE D 157 27.00 -13.15 36.48
N THR D 158 27.40 -13.60 37.66
CA THR D 158 27.31 -15.02 37.98
C THR D 158 26.49 -15.27 39.23
N ILE D 159 26.01 -16.51 39.33
CA ILE D 159 25.43 -17.02 40.56
C ILE D 159 26.59 -17.65 41.33
N ALA D 160 27.14 -16.89 42.29
CA ALA D 160 28.30 -17.39 43.03
C ALA D 160 27.91 -18.49 44.00
N ASP D 161 26.72 -18.39 44.58
CA ASP D 161 26.19 -19.41 45.46
C ASP D 161 24.68 -19.39 45.35
N CYS D 162 24.06 -20.52 45.68
CA CYS D 162 22.61 -20.62 45.64
C CYS D 162 22.18 -21.80 46.48
N GLY D 163 20.95 -21.74 46.96
CA GLY D 163 20.46 -22.78 47.84
C GLY D 163 19.02 -22.50 48.21
N GLN D 164 18.49 -23.32 49.11
CA GLN D 164 17.14 -23.16 49.61
C GLN D 164 17.18 -22.59 51.02
N LEU D 165 16.25 -21.69 51.32
CA LEU D 165 16.20 -21.02 52.63
C LEU D 165 15.22 -21.74 53.55
PG GNP E . 16.47 -17.01 14.64
O1G GNP E . 17.65 -16.16 15.03
O2G GNP E . 15.62 -16.27 13.62
O3G GNP E . 15.71 -17.50 15.89
N3B GNP E . 17.07 -18.44 13.90
PB GNP E . 18.14 -18.42 12.66
O1B GNP E . 19.29 -17.47 12.98
O2B GNP E . 17.55 -18.08 11.32
O3A GNP E . 18.71 -19.95 12.57
PA GNP E . 20.08 -20.50 13.21
O1A GNP E . 20.12 -20.23 14.65
O2A GNP E . 21.19 -19.97 12.32
O5' GNP E . 19.95 -22.04 12.96
C5' GNP E . 18.80 -22.79 13.40
C4' GNP E . 19.17 -24.26 13.47
O4' GNP E . 19.39 -24.76 12.12
C3' GNP E . 20.44 -24.58 14.25
O3' GNP E . 20.31 -25.85 14.88
C2' GNP E . 21.51 -24.61 13.15
O2' GNP E . 22.65 -25.37 13.53
C1' GNP E . 20.72 -25.23 11.99
N9 GNP E . 21.20 -24.85 10.65
C8 GNP E . 21.43 -23.58 10.17
N7 GNP E . 21.84 -23.57 8.92
C5 GNP E . 21.92 -24.90 8.57
C6 GNP E . 22.33 -25.54 7.34
O6 GNP E . 22.70 -25.01 6.31
N1 GNP E . 22.24 -26.93 7.43
C2 GNP E . 21.84 -27.63 8.53
N2 GNP E . 21.81 -28.96 8.41
N3 GNP E . 21.46 -27.06 9.66
C4 GNP E . 21.53 -25.71 9.63
MG MG F . 19.52 -16.09 14.33
PG GNP G . -16.41 10.31 -18.50
O1G GNP G . -15.53 11.42 -18.00
O2G GNP G . -15.70 9.52 -19.58
O3G GNP G . -17.70 10.94 -19.06
N3B GNP G . -16.81 9.34 -17.16
PB GNP G . -15.64 8.73 -16.17
O1B GNP G . -14.70 9.82 -15.74
O2B GNP G . -15.00 7.49 -16.78
O3A GNP G . -16.43 8.20 -14.85
PA GNP G . -16.69 8.98 -13.50
O1A GNP G . -17.41 10.29 -13.77
O2A GNP G . -15.41 8.92 -12.67
O5' GNP G . -17.71 8.01 -12.77
C5' GNP G . -19.00 7.73 -13.35
C4' GNP G . -19.93 7.27 -12.26
O4' GNP G . -19.45 6.00 -11.73
C3' GNP G . -20.05 8.22 -11.06
O3' GNP G . -21.36 8.20 -10.51
C2' GNP G . -19.07 7.60 -10.05
O2' GNP G . -19.38 7.89 -8.70
C1' GNP G . -19.26 6.12 -10.33
N9 GNP G . -18.07 5.35 -9.97
C8 GNP G . -16.77 5.64 -10.33
N7 GNP G . -15.90 4.78 -9.84
C5 GNP G . -16.67 3.87 -9.13
C6 GNP G . -16.31 2.71 -8.35
O6 GNP G . -15.17 2.26 -8.19
N1 GNP G . -17.42 2.08 -7.81
C2 GNP G . -18.72 2.52 -7.94
N2 GNP G . -19.66 1.81 -7.32
N3 GNP G . -19.06 3.60 -8.64
C4 GNP G . -18.01 4.23 -9.19
MG MG H . -14.50 11.67 -16.30
C1 A1AHB I . -12.64 15.95 -27.20
C10 A1AHB I . -18.77 15.09 -22.50
C11 A1AHB I . -20.95 15.72 -23.33
C12 A1AHB I . -22.43 15.95 -23.51
C13 A1AHB I . -22.93 16.92 -22.42
C14 A1AHB I . -23.60 16.70 -20.07
C15 A1AHB I . -24.44 15.94 -19.13
C16 A1AHB I . -24.13 16.10 -17.65
C17 A1AHB I . -25.40 16.67 -18.20
C18 A1AHB I . -26.75 16.11 -17.84
C19 A1AHB I . -23.96 17.84 -23.05
C2 A1AHB I . -12.88 17.28 -26.50
C20 A1AHB I . -24.35 19.89 -24.46
C21 A1AHB I . -23.80 19.80 -25.87
C22 A1AHB I . -22.33 20.20 -25.85
C23 A1AHB I . -21.52 19.35 -24.86
C24 A1AHB I . -20.14 19.93 -24.72
C25 A1AHB I . -18.17 20.53 -25.87
C26 A1AHB I . -17.72 20.64 -27.33
C27 A1AHB I . -16.49 21.56 -27.40
C28 A1AHB I . -18.85 21.28 -28.15
C29 A1AHB I . -17.40 19.26 -27.92
C3 A1AHB I . -15.28 17.06 -25.75
C30 A1AHB I . -16.32 18.50 -27.21
C31 A1AHB I . -14.94 18.50 -27.46
C32 A1AHB I . -14.22 19.24 -28.51
C33 A1AHB I . -13.23 20.22 -28.26
C34 A1AHB I . -12.91 20.56 -30.53
C35 A1AHB I . -13.86 19.60 -30.87
C36 A1AHB I . -14.51 18.93 -29.83
C37 A1AHB I . -15.37 18.58 -32.54
C38 A1AHB I . -15.40 18.05 -33.95
C39 A1AHB I . -15.06 18.53 -36.27
C4 A1AHB I . -16.54 17.58 -26.13
C40 A1AHB I . -13.52 19.28 -34.59
C41 A1AHB I . -13.39 19.99 -33.27
C42 A1AHB I . -12.85 20.64 -26.85
C43 A1AHB I . -12.93 22.15 -26.71
C44 A1AHB I . -11.23 20.40 -25.14
C5 A1AHB I . -17.68 17.15 -25.45
C6 A1AHB I . -17.56 16.23 -24.41
C7 A1AHB I . -16.31 15.72 -24.08
C8 A1AHB I . -15.16 16.12 -24.72
C9 A1AHB I . -18.75 15.79 -23.66
N1 A1AHB I . -14.31 17.62 -26.56
N2 A1AHB I . -23.55 16.21 -21.32
N3 A1AHB I . -23.51 18.99 -23.66
N4 A1AHB I . -22.14 19.34 -23.54
N5 A1AHB I . -12.62 20.86 -29.26
N6 A1AHB I . -14.16 19.35 -32.19
N7 A1AHB I . -14.92 19.04 -34.91
N8 A1AHB I . -20.01 16.11 -24.16
O1 A1AHB I . -23.03 17.75 -19.74
O2 A1AHB I . -25.15 17.55 -23.08
O3 A1AHB I . -19.73 20.49 -23.72
O4 A1AHB I . -19.45 19.84 -25.85
O5 A1AHB I . -11.52 20.25 -26.52
S1 A1AHB I . -20.37 14.94 -21.90
C1 A1AHB J . 12.35 -7.07 18.15
C10 A1AHB J . 14.30 -14.47 20.46
C11 A1AHB J . 13.19 -15.32 22.42
C12 A1AHB J . 12.66 -16.15 23.55
C13 A1AHB J . 13.80 -16.58 24.48
C14 A1AHB J . 15.52 -18.31 24.48
C15 A1AHB J . 15.75 -19.76 24.37
C16 A1AHB J . 17.16 -20.22 24.15
C17 A1AHB J . 16.52 -20.46 25.47
C18 A1AHB J . 16.17 -21.86 25.92
C19 A1AHB J . 13.27 -16.60 25.92
C2 A1AHB J . 13.48 -7.18 19.14
C20 A1AHB J . 12.71 -15.27 27.96
C21 A1AHB J . 11.70 -14.13 27.86
C22 A1AHB J . 12.36 -12.91 27.26
C23 A1AHB J . 13.09 -13.22 25.94
C24 A1AHB J . 13.91 -12.04 25.52
C25 A1AHB J . 13.81 -9.74 24.89
C26 A1AHB J . 12.76 -8.62 24.88
C27 A1AHB J . 13.49 -7.27 24.83
C28 A1AHB J . 11.93 -8.68 26.16
C29 A1AHB J . 11.80 -8.78 23.68
C3 A1AHB J . 13.31 -9.42 20.31
C30 A1AHB J . 12.41 -8.75 22.30
C31 A1AHB J . 12.59 -7.63 21.51
C32 A1AHB J . 12.21 -6.25 21.84
C33 A1AHB J . 13.13 -5.18 21.96
C34 A1AHB J . 11.42 -3.70 22.49
C35 A1AHB J . 10.46 -4.69 22.38
C36 A1AHB J . 10.86 -5.98 22.04
C37 A1AHB J . 8.20 -5.50 22.86
C38 A1AHB J . 6.74 -5.10 22.90
C39 A1AHB J . 5.14 -3.55 23.76
C4 A1AHB J . 12.86 -9.88 21.56
C40 A1AHB J . 7.22 -2.81 22.83
C41 A1AHB J . 8.72 -3.01 22.81
C42 A1AHB J . 14.62 -5.38 21.77
C43 A1AHB J . 15.41 -4.81 22.92
C44 A1AHB J . 16.35 -5.14 20.15
C5 A1AHB J . 12.93 -11.25 21.83
C6 A1AHB J . 13.44 -12.12 20.86
C7 A1AHB J . 13.88 -11.62 19.64
C8 A1AHB J . 13.82 -10.27 19.33
C9 A1AHB J . 13.54 -13.55 21.13
N1 A1AHB J . 13.15 -8.04 20.29
N2 A1AHB J . 14.31 -17.89 24.13
N3 A1AHB J . 13.33 -15.43 26.64
N4 A1AHB J . 14.02 -14.32 26.13
N5 A1AHB J . 12.73 -3.94 22.28
N6 A1AHB J . 9.15 -4.40 22.63
N7 A1AHB J . 6.57 -3.84 23.62
N8 A1AHB J . 12.90 -14.05 22.26
O1 A1AHB J . 16.41 -17.55 24.89
O2 A1AHB J . 12.74 -17.60 26.40
O3 A1AHB J . 15.12 -12.00 25.55
O4 A1AHB J . 13.13 -11.02 25.15
O5 A1AHB J . 15.05 -4.73 20.57
S1 A1AHB J . 14.29 -15.97 21.26
#